data_2FHF
#
_entry.id   2FHF
#
_cell.length_a   150.159
_cell.length_b   60.509
_cell.length_c   134.664
_cell.angle_alpha   90.00
_cell.angle_beta   111.87
_cell.angle_gamma   90.00
#
_symmetry.space_group_name_H-M   'C 1 2 1'
#
loop_
_entity.id
_entity.type
_entity.pdbx_description
1 polymer 'Alpha-dextrin endo-1,6-alpha-glucosidase'
2 branched alpha-D-glucopyranose-(1-4)-alpha-D-glucopyranose-(1-4)-alpha-D-glucopyranose-(1-4)-alpha-D-glucopyranose
3 branched alpha-D-glucopyranose-(1-4)-alpha-D-glucopyranose
4 non-polymer 'CALCIUM ION'
5 water water
#
_entity_poly.entity_id   1
_entity_poly.type   'polypeptide(L)'
_entity_poly.pdbx_seq_one_letter_code
;CDNSSSSSTSGSPGSPGNPGNPGTPGTPDPQDVVVRLPDVAVPGEAVQASARQAVIHLVDIAGITSSTPADYATKNLYLW
NNETCDALSAPVADWNDVSTTPTGSDKYGPYWVIPLTKESGCINVIVRDGTNKLIDSDLRVSFSDFTDRTVSVIAGNSAV
YDSRADAFRAAFGVALADAHWVDKTTLLWPGGENKPIVRLYYSHSSKVAADSNGEFSDKYVKLTPTTVNQQVSMRFPHLA
SYPAFKLPDDVNVDELLQGETVAIAAESDGILSSATQVQTAGVLDDTYAAAAEALSYGAQLTDSGVTFRVWAPTAQQVEL
VIYSADKKVIASHPMTRDSASGAWSWQGGSDLKGAFYRYAMTVYHPQSRKVEQYEVTDPYAHSLSTNSEYSQVVDLNDSA
LKPEGWDGLTMPHAQKTKADLAKMTIHESHIRDLSAWDQTVPAELRGKYLALTAQESNMVQHLKQLSASGVTHIELLPVF
DLATVNEFSDKVADIQQPFSRLCEVNSAVKSSEFAGYCDSGSTVEEVLTQLKQNDSKDNPQVQALNTLVAQTDSYNWGYD
PFHYTVPEGSYATDPEGTARIKEFRTMIQAIKQDLGMNVIMDVVYNHTNAAGPTDRTSVLDKIVPWYYQRLNETTGSVES
ATCCSDSAPEHRMFAKLIADSLAVWTTDYKIDGFRFDLMLYHPKAQILSAWERIKALNPDIYFFGEGWDSNQSDRFEIAS
QINLKGTGIGTFSDRLRDAVRGGGPFDSGDALRQNQGVGSGAGVLPNELTTLSDDQARHLADLTRLGMAGNLADFVLIDK
DGAVKRGSEIDYNGAPGGYAADPTEVVNYVSKHDNQTLWDMISYKAAQEADLDTRVRMQAVSLATVMLGQGIAFDQQGSE
LLRSKSFTRDSYDSGDWFNRVDYSLQDNNYNVGMPRSSDDGSNYDIIARVKDAVATPGETELKQMTAFYQELTALRKSSP
LFTLGDGATVMKRVDFRNTGADQQTGLLVMTIDDGMQAGASLDSRVDGIVVAINAAPESRTLQDFAGTSLQLSAIQQAAG
DRSLASGVQVAADGSVTLPAWSVAVLELPQGESQGAGLPVSSK
;
_entity_poly.pdbx_strand_id   A
#
loop_
_chem_comp.id
_chem_comp.type
_chem_comp.name
_chem_comp.formula
CA non-polymer 'CALCIUM ION' 'Ca 2'
GLC D-saccharide, alpha linking alpha-D-glucopyranose 'C6 H12 O6'
#
# COMPACT_ATOMS: atom_id res chain seq x y z
N ASP A 32 -48.63 19.72 -2.55
CA ASP A 32 -47.35 19.28 -1.91
C ASP A 32 -46.85 20.34 -0.94
N VAL A 33 -46.81 19.97 0.35
CA VAL A 33 -46.36 20.89 1.38
C VAL A 33 -44.89 21.26 1.23
N VAL A 34 -44.57 22.52 1.49
CA VAL A 34 -43.20 23.00 1.39
C VAL A 34 -42.42 22.54 2.60
N VAL A 35 -41.21 22.03 2.38
CA VAL A 35 -40.38 21.57 3.47
C VAL A 35 -39.73 22.76 4.17
N ARG A 36 -39.80 22.75 5.50
CA ARG A 36 -39.23 23.83 6.31
C ARG A 36 -38.62 23.28 7.58
N LEU A 37 -37.83 24.10 8.25
CA LEU A 37 -37.18 23.71 9.50
C LEU A 37 -38.15 23.87 10.66
N PRO A 38 -37.89 23.16 11.78
CA PRO A 38 -38.77 23.27 12.95
C PRO A 38 -38.99 24.73 13.30
N ASP A 39 -40.24 25.10 13.59
CA ASP A 39 -40.57 26.49 13.91
C ASP A 39 -41.46 26.68 15.14
N VAL A 40 -42.09 25.60 15.60
CA VAL A 40 -42.98 25.69 16.76
C VAL A 40 -42.42 24.93 17.97
N ALA A 41 -42.07 23.67 17.77
CA ALA A 41 -41.52 22.86 18.85
C ALA A 41 -40.04 23.18 19.04
N VAL A 42 -39.73 24.47 19.11
CA VAL A 42 -38.36 24.92 19.29
C VAL A 42 -38.20 25.67 20.62
N PRO A 43 -37.02 25.54 21.25
CA PRO A 43 -36.73 26.20 22.52
C PRO A 43 -36.73 27.72 22.43
N GLY A 44 -37.26 28.38 23.46
CA GLY A 44 -37.30 29.83 23.47
C GLY A 44 -36.02 30.35 24.13
N GLU A 45 -35.95 31.65 24.36
CA GLU A 45 -34.77 32.23 24.99
C GLU A 45 -34.93 32.25 26.50
N ALA A 46 -33.87 31.87 27.21
CA ALA A 46 -33.90 31.85 28.66
C ALA A 46 -33.93 33.27 29.21
N VAL A 47 -33.22 34.16 28.54
CA VAL A 47 -33.14 35.56 28.95
C VAL A 47 -32.42 36.38 27.89
N GLN A 48 -32.73 37.68 27.83
CA GLN A 48 -32.09 38.57 26.86
C GLN A 48 -31.04 39.43 27.56
N ALA A 49 -29.95 39.72 26.85
CA ALA A 49 -28.88 40.54 27.41
C ALA A 49 -29.38 41.96 27.61
N SER A 50 -29.10 42.52 28.79
CA SER A 50 -29.52 43.87 29.11
C SER A 50 -28.42 44.86 28.76
N ALA A 51 -28.41 46.00 29.46
CA ALA A 51 -27.41 47.03 29.22
C ALA A 51 -26.02 46.61 29.71
N ARG A 52 -25.02 46.85 28.88
CA ARG A 52 -23.63 46.51 29.20
C ARG A 52 -23.45 45.08 29.70
N GLN A 53 -23.99 44.12 28.95
CA GLN A 53 -23.86 42.71 29.31
C GLN A 53 -24.19 41.81 28.13
N ALA A 54 -23.58 40.63 28.13
CA ALA A 54 -23.82 39.65 27.07
C ALA A 54 -24.40 38.40 27.70
N VAL A 55 -25.08 37.60 26.89
CA VAL A 55 -25.68 36.37 27.38
C VAL A 55 -25.37 35.21 26.44
N ILE A 56 -24.95 34.10 27.03
CA ILE A 56 -24.63 32.90 26.24
C ILE A 56 -25.45 31.71 26.71
N HIS A 57 -26.15 31.09 25.76
CA HIS A 57 -26.97 29.91 26.04
C HIS A 57 -26.24 28.65 25.61
N LEU A 58 -26.36 27.60 26.43
CA LEU A 58 -25.76 26.32 26.11
C LEU A 58 -26.96 25.39 25.92
N VAL A 59 -27.39 25.23 24.67
CA VAL A 59 -28.54 24.39 24.37
C VAL A 59 -28.34 22.95 24.80
N ASP A 60 -29.09 22.55 25.81
CA ASP A 60 -29.04 21.19 26.35
C ASP A 60 -30.42 20.83 26.86
N ILE A 61 -31.28 20.35 25.95
CA ILE A 61 -32.64 19.98 26.31
C ILE A 61 -32.71 18.67 27.10
N ALA A 62 -33.43 18.70 28.21
CA ALA A 62 -33.57 17.51 29.04
C ALA A 62 -34.52 16.52 28.38
N GLY A 63 -34.50 15.27 28.85
CA GLY A 63 -35.36 14.25 28.29
C GLY A 63 -36.83 14.58 28.45
N ILE A 64 -37.67 13.97 27.63
CA ILE A 64 -39.10 14.21 27.67
C ILE A 64 -39.67 13.65 28.99
N THR A 65 -38.85 12.87 29.68
CA THR A 65 -39.26 12.28 30.95
C THR A 65 -38.61 12.99 32.13
N SER A 66 -37.73 13.94 31.84
CA SER A 66 -37.05 14.69 32.88
C SER A 66 -38.07 15.22 33.88
N SER A 67 -37.65 15.33 35.14
CA SER A 67 -38.54 15.79 36.18
C SER A 67 -37.91 16.83 37.11
N THR A 68 -36.61 17.01 36.98
CA THR A 68 -35.89 17.96 37.83
C THR A 68 -34.91 18.81 37.02
N PRO A 69 -34.55 19.99 37.52
CA PRO A 69 -33.60 20.84 36.79
C PRO A 69 -32.26 20.11 36.68
N ALA A 70 -31.69 20.12 35.47
CA ALA A 70 -30.41 19.47 35.24
C ALA A 70 -29.29 20.10 36.04
N ASP A 71 -28.28 19.30 36.39
CA ASP A 71 -27.14 19.79 37.15
C ASP A 71 -26.08 20.36 36.21
N TYR A 72 -25.77 21.64 36.39
CA TYR A 72 -24.77 22.31 35.57
C TYR A 72 -23.73 23.01 36.43
N ALA A 73 -23.54 22.50 37.64
CA ALA A 73 -22.58 23.07 38.58
C ALA A 73 -21.16 23.04 38.04
N THR A 74 -20.84 21.98 37.28
CA THR A 74 -19.51 21.83 36.71
C THR A 74 -19.35 22.62 35.41
N LYS A 75 -20.46 23.03 34.81
CA LYS A 75 -20.43 23.79 33.58
C LYS A 75 -19.85 25.16 33.88
N ASN A 76 -18.96 25.65 33.02
CA ASN A 76 -18.35 26.96 33.24
C ASN A 76 -17.81 27.56 31.95
N LEU A 77 -17.28 28.77 32.07
CA LEU A 77 -16.72 29.47 30.92
C LEU A 77 -15.35 30.08 31.24
N TYR A 78 -14.49 30.14 30.23
CA TYR A 78 -13.18 30.73 30.39
C TYR A 78 -13.20 32.04 29.60
N LEU A 79 -13.24 33.16 30.31
CA LEU A 79 -13.28 34.46 29.66
C LEU A 79 -11.96 35.20 29.68
N TRP A 80 -11.60 35.79 28.56
CA TRP A 80 -10.35 36.54 28.43
C TRP A 80 -10.45 37.45 27.21
N ASN A 81 -9.88 38.65 27.30
CA ASN A 81 -9.92 39.58 26.19
C ASN A 81 -8.51 39.90 25.68
N ASN A 82 -8.36 39.91 24.36
CA ASN A 82 -7.07 40.19 23.74
C ASN A 82 -7.19 41.34 22.74
N GLU A 83 -6.42 41.26 21.65
CA GLU A 83 -6.44 42.29 20.63
C GLU A 83 -7.77 42.31 19.87
N THR A 84 -8.19 41.15 19.39
CA THR A 84 -9.42 41.03 18.64
C THR A 84 -10.66 41.44 19.43
N CYS A 85 -10.76 40.97 20.67
CA CYS A 85 -11.90 41.30 21.51
C CYS A 85 -11.48 41.73 22.91
N ASP A 86 -11.99 42.88 23.34
CA ASP A 86 -11.68 43.42 24.67
C ASP A 86 -12.92 43.96 25.35
N ALA A 87 -14.09 43.51 24.90
CA ALA A 87 -15.35 43.96 25.47
C ALA A 87 -15.64 43.33 26.83
N LEU A 88 -14.92 42.25 27.13
CA LEU A 88 -15.11 41.56 28.41
C LEU A 88 -14.71 42.49 29.56
N SER A 89 -15.53 42.50 30.61
CA SER A 89 -15.26 43.33 31.77
C SER A 89 -14.71 42.50 32.92
N ALA A 90 -13.47 42.78 33.31
CA ALA A 90 -12.82 42.07 34.40
C ALA A 90 -12.89 40.56 34.17
N PRO A 91 -12.30 40.07 33.07
CA PRO A 91 -12.30 38.63 32.76
C PRO A 91 -11.41 37.83 33.70
N VAL A 92 -11.99 36.82 34.33
CA VAL A 92 -11.23 35.98 35.26
C VAL A 92 -10.14 35.20 34.54
N ALA A 93 -8.91 35.32 35.02
CA ALA A 93 -7.77 34.64 34.42
C ALA A 93 -7.57 33.28 35.07
N ASP A 94 -6.44 32.65 34.78
CA ASP A 94 -6.10 31.34 35.32
C ASP A 94 -7.06 30.27 34.81
N TRP A 95 -6.61 29.51 33.83
CA TRP A 95 -7.40 28.44 33.22
C TRP A 95 -7.97 27.47 34.25
N ASN A 96 -7.25 27.28 35.35
CA ASN A 96 -7.69 26.35 36.39
C ASN A 96 -8.94 26.81 37.14
N ASP A 97 -9.35 28.06 36.93
CA ASP A 97 -10.54 28.59 37.59
C ASP A 97 -11.81 28.13 36.90
N VAL A 98 -12.71 27.53 37.67
CA VAL A 98 -13.98 27.03 37.16
C VAL A 98 -15.14 27.68 37.91
N SER A 99 -14.94 28.94 38.31
CA SER A 99 -15.96 29.67 39.06
C SER A 99 -16.98 30.38 38.18
N THR A 100 -16.73 30.43 36.89
CA THR A 100 -17.65 31.10 35.97
C THR A 100 -18.78 30.14 35.59
N THR A 101 -19.53 29.70 36.59
CA THR A 101 -20.66 28.79 36.39
C THR A 101 -21.93 29.50 35.94
N PRO A 102 -22.93 28.75 35.45
CA PRO A 102 -24.21 29.30 34.99
C PRO A 102 -24.92 30.26 35.95
N THR A 103 -25.52 31.30 35.38
CA THR A 103 -26.26 32.28 36.16
C THR A 103 -27.61 31.65 36.50
N GLY A 104 -28.02 30.71 35.67
CA GLY A 104 -29.29 30.03 35.87
C GLY A 104 -29.48 28.99 34.77
N SER A 105 -30.61 28.30 34.80
CA SER A 105 -30.88 27.31 33.77
C SER A 105 -32.36 26.92 33.77
N ASP A 106 -32.80 26.37 32.65
CA ASP A 106 -34.18 25.93 32.52
C ASP A 106 -34.19 24.59 31.79
N LYS A 107 -35.33 24.21 31.24
CA LYS A 107 -35.43 22.93 30.54
C LYS A 107 -34.58 22.84 29.28
N TYR A 108 -34.22 23.99 28.71
CA TYR A 108 -33.43 24.01 27.49
C TYR A 108 -31.92 24.18 27.69
N GLY A 109 -31.49 24.17 28.94
CA GLY A 109 -30.07 24.31 29.23
C GLY A 109 -29.71 25.48 30.12
N PRO A 110 -28.43 25.62 30.50
CA PRO A 110 -27.95 26.70 31.35
C PRO A 110 -27.58 27.92 30.52
N TYR A 111 -27.37 29.06 31.17
CA TYR A 111 -27.00 30.29 30.47
C TYR A 111 -26.10 31.14 31.35
N TRP A 112 -25.36 32.05 30.71
CA TRP A 112 -24.44 32.92 31.43
C TRP A 112 -24.68 34.41 31.13
N VAL A 113 -24.71 35.21 32.19
CA VAL A 113 -24.88 36.65 32.05
C VAL A 113 -23.48 37.25 32.23
N ILE A 114 -22.86 37.62 31.12
CA ILE A 114 -21.51 38.18 31.15
C ILE A 114 -21.45 39.71 31.20
N PRO A 115 -20.77 40.26 32.21
CA PRO A 115 -20.64 41.71 32.36
C PRO A 115 -19.66 42.27 31.32
N LEU A 116 -20.14 43.21 30.52
CA LEU A 116 -19.32 43.82 29.48
C LEU A 116 -18.83 45.21 29.87
N THR A 117 -17.82 45.68 29.15
CA THR A 117 -17.25 47.01 29.39
C THR A 117 -17.89 47.97 28.40
N LYS A 118 -18.51 47.38 27.37
CA LYS A 118 -19.18 48.14 26.32
C LYS A 118 -20.07 47.18 25.53
N GLU A 119 -20.97 47.73 24.73
CA GLU A 119 -21.87 46.91 23.93
C GLU A 119 -21.41 46.83 22.47
N SER A 120 -20.11 47.06 22.27
CA SER A 120 -19.52 47.01 20.93
C SER A 120 -18.30 46.08 20.91
N GLY A 121 -17.90 45.67 19.71
CA GLY A 121 -16.75 44.79 19.58
C GLY A 121 -17.12 43.32 19.68
N CYS A 122 -16.34 42.57 20.46
CA CYS A 122 -16.59 41.15 20.64
C CYS A 122 -15.97 40.62 21.93
N ILE A 123 -16.11 39.32 22.16
CA ILE A 123 -15.57 38.68 23.35
C ILE A 123 -15.08 37.26 23.04
N ASN A 124 -14.03 36.83 23.74
CA ASN A 124 -13.47 35.50 23.55
C ASN A 124 -14.07 34.56 24.59
N VAL A 125 -14.65 33.46 24.13
CA VAL A 125 -15.26 32.50 25.03
C VAL A 125 -14.99 31.04 24.67
N ILE A 126 -14.91 30.20 25.69
CA ILE A 126 -14.68 28.76 25.52
C ILE A 126 -15.52 28.02 26.54
N VAL A 127 -16.58 27.37 26.07
CA VAL A 127 -17.48 26.62 26.94
C VAL A 127 -16.78 25.37 27.46
N ARG A 128 -16.84 25.16 28.78
CA ARG A 128 -16.20 24.01 29.38
C ARG A 128 -17.07 23.26 30.37
N ASP A 129 -16.61 22.07 30.74
CA ASP A 129 -17.30 21.21 31.70
C ASP A 129 -16.26 20.84 32.76
N GLY A 130 -15.83 21.84 33.51
CA GLY A 130 -14.82 21.62 34.54
C GLY A 130 -13.48 22.15 34.07
N THR A 131 -12.73 21.31 33.38
CA THR A 131 -11.42 21.69 32.85
C THR A 131 -11.34 21.30 31.38
N ASN A 132 -12.18 20.36 30.99
CA ASN A 132 -12.23 19.89 29.60
C ASN A 132 -13.07 20.84 28.76
N LYS A 133 -12.90 20.77 27.44
CA LYS A 133 -13.64 21.64 26.53
C LYS A 133 -14.86 20.99 25.89
N LEU A 134 -16.03 21.61 26.07
CA LEU A 134 -17.25 21.09 25.48
C LEU A 134 -17.19 21.46 24.00
N ILE A 135 -16.50 22.55 23.72
CA ILE A 135 -16.30 23.06 22.37
C ILE A 135 -14.81 23.41 22.27
N ASP A 136 -14.07 22.68 21.43
CA ASP A 136 -12.65 22.92 21.26
C ASP A 136 -12.32 24.34 20.79
N SER A 137 -12.44 24.56 19.48
CA SER A 137 -12.15 25.86 18.88
C SER A 137 -12.53 27.05 19.74
N ASP A 138 -11.74 28.12 19.67
CA ASP A 138 -12.00 29.33 20.42
C ASP A 138 -13.23 30.01 19.82
N LEU A 139 -14.08 30.56 20.68
CA LEU A 139 -15.29 31.24 20.21
C LEU A 139 -15.23 32.75 20.37
N ARG A 140 -15.55 33.46 19.30
CA ARG A 140 -15.57 34.91 19.31
C ARG A 140 -16.99 35.39 19.00
N VAL A 141 -17.62 36.01 19.98
CA VAL A 141 -18.98 36.52 19.83
C VAL A 141 -18.96 37.98 19.38
N SER A 142 -19.22 38.20 18.10
CA SER A 142 -19.25 39.54 17.54
C SER A 142 -20.55 40.26 17.88
N PHE A 143 -20.42 41.44 18.50
CA PHE A 143 -21.58 42.23 18.88
C PHE A 143 -22.25 42.89 17.67
N SER A 144 -21.57 42.86 16.53
CA SER A 144 -22.12 43.44 15.31
C SER A 144 -22.92 42.36 14.59
N ASP A 145 -22.45 41.12 14.70
CA ASP A 145 -23.11 39.98 14.07
C ASP A 145 -24.38 39.67 14.86
N PHE A 146 -24.32 39.83 16.17
CA PHE A 146 -25.46 39.57 17.05
C PHE A 146 -25.71 40.81 17.90
N THR A 147 -26.50 41.74 17.37
CA THR A 147 -26.81 42.99 18.04
C THR A 147 -27.27 42.87 19.49
N ASP A 148 -28.24 41.99 19.76
CA ASP A 148 -28.75 41.82 21.12
C ASP A 148 -27.77 41.16 22.08
N ARG A 149 -26.56 40.89 21.61
CA ARG A 149 -25.52 40.26 22.42
C ARG A 149 -26.01 39.05 23.21
N THR A 150 -26.95 38.31 22.64
CA THR A 150 -27.50 37.11 23.27
C THR A 150 -27.35 35.94 22.29
N VAL A 151 -26.34 35.11 22.51
CA VAL A 151 -26.08 33.98 21.62
C VAL A 151 -26.31 32.61 22.23
N SER A 152 -26.23 31.58 21.39
CA SER A 152 -26.42 30.20 21.81
C SER A 152 -25.46 29.28 21.07
N VAL A 153 -24.98 28.25 21.77
CA VAL A 153 -24.06 27.27 21.18
C VAL A 153 -24.41 25.88 21.69
N ILE A 154 -23.86 24.86 21.04
CA ILE A 154 -24.12 23.48 21.43
C ILE A 154 -22.81 22.71 21.53
N ALA A 155 -22.80 21.69 22.39
CA ALA A 155 -21.61 20.87 22.59
C ALA A 155 -21.10 20.29 21.28
N GLY A 156 -19.80 20.41 21.07
CA GLY A 156 -19.18 19.89 19.86
C GLY A 156 -19.56 20.56 18.56
N ASN A 157 -20.05 21.79 18.62
CA ASN A 157 -20.46 22.51 17.42
C ASN A 157 -19.47 23.60 17.03
N SER A 158 -19.09 24.44 17.99
CA SER A 158 -18.13 25.52 17.76
C SER A 158 -18.71 26.71 17.00
N ALA A 159 -19.96 26.59 16.56
CA ALA A 159 -20.62 27.67 15.83
C ALA A 159 -21.47 28.51 16.79
N VAL A 160 -21.59 29.80 16.50
CA VAL A 160 -22.37 30.70 17.34
C VAL A 160 -23.71 31.03 16.69
N TYR A 161 -24.78 30.96 17.47
CA TYR A 161 -26.12 31.24 16.99
C TYR A 161 -26.77 32.41 17.73
N ASP A 162 -27.72 33.06 17.07
CA ASP A 162 -28.41 34.21 17.63
C ASP A 162 -29.53 33.83 18.59
N SER A 163 -29.96 32.57 18.54
CA SER A 163 -31.03 32.09 19.42
C SER A 163 -30.94 30.59 19.65
N ARG A 164 -31.54 30.13 20.74
CA ARG A 164 -31.53 28.70 21.06
C ARG A 164 -32.35 27.95 20.02
N ALA A 165 -33.25 28.65 19.35
CA ALA A 165 -34.09 28.06 18.32
C ALA A 165 -33.26 27.79 17.06
N ASP A 166 -32.46 28.77 16.67
CA ASP A 166 -31.60 28.63 15.49
C ASP A 166 -30.62 27.49 15.71
N ALA A 167 -30.00 27.47 16.89
CA ALA A 167 -29.04 26.43 17.24
C ALA A 167 -29.72 25.06 17.21
N PHE A 168 -30.97 25.02 17.66
CA PHE A 168 -31.74 23.79 17.68
C PHE A 168 -32.00 23.28 16.26
N ARG A 169 -32.22 24.22 15.34
CA ARG A 169 -32.48 23.88 13.95
C ARG A 169 -31.21 23.44 13.20
N ALA A 170 -30.06 23.86 13.72
CA ALA A 170 -28.78 23.52 13.09
C ALA A 170 -28.63 22.02 12.87
N ALA A 171 -29.24 21.24 13.75
CA ALA A 171 -29.16 19.78 13.65
C ALA A 171 -30.10 19.26 12.57
N PHE A 172 -30.83 20.16 11.92
CA PHE A 172 -31.77 19.78 10.87
C PHE A 172 -31.35 20.35 9.52
N GLY A 173 -30.06 20.24 9.22
CA GLY A 173 -29.55 20.74 7.95
C GLY A 173 -28.91 19.61 7.19
N VAL A 174 -28.29 19.93 6.05
CA VAL A 174 -27.63 18.91 5.24
C VAL A 174 -26.40 18.41 5.98
N ALA A 175 -26.38 17.12 6.28
CA ALA A 175 -25.25 16.52 6.99
C ALA A 175 -24.98 15.11 6.49
N LEU A 176 -23.70 14.71 6.55
CA LEU A 176 -23.28 13.38 6.12
C LEU A 176 -23.57 13.20 4.63
N ALA A 177 -23.56 11.94 4.19
CA ALA A 177 -23.83 11.59 2.80
C ALA A 177 -24.18 10.11 2.77
N ASP A 178 -25.20 9.71 3.54
CA ASP A 178 -25.58 8.32 3.61
C ASP A 178 -26.70 7.89 2.67
N ALA A 179 -26.93 8.67 1.63
CA ALA A 179 -27.94 8.34 0.62
C ALA A 179 -27.15 7.93 -0.62
N HIS A 180 -27.53 6.80 -1.22
CA HIS A 180 -26.83 6.29 -2.39
C HIS A 180 -27.73 6.10 -3.60
N TRP A 181 -27.45 6.85 -4.66
CA TRP A 181 -28.21 6.74 -5.91
C TRP A 181 -27.42 5.68 -6.68
N VAL A 182 -27.86 4.43 -6.54
CA VAL A 182 -27.21 3.27 -7.14
C VAL A 182 -27.52 2.93 -8.60
N ASP A 183 -28.70 3.31 -9.07
CA ASP A 183 -29.05 3.07 -10.47
C ASP A 183 -30.08 4.12 -10.89
N LYS A 184 -30.47 4.10 -12.15
CA LYS A 184 -31.41 5.08 -12.68
C LYS A 184 -32.55 5.52 -11.76
N THR A 185 -33.28 4.56 -11.19
CA THR A 185 -34.41 4.91 -10.34
C THR A 185 -34.35 4.46 -8.89
N THR A 186 -33.21 3.95 -8.43
CA THR A 186 -33.10 3.49 -7.06
C THR A 186 -32.21 4.36 -6.17
N LEU A 187 -32.76 4.75 -5.03
CA LEU A 187 -32.03 5.55 -4.06
C LEU A 187 -32.12 4.80 -2.73
N LEU A 188 -30.97 4.48 -2.16
CA LEU A 188 -30.93 3.76 -0.89
C LEU A 188 -30.54 4.75 0.21
N TRP A 189 -31.45 4.98 1.15
CA TRP A 189 -31.19 5.93 2.22
C TRP A 189 -31.96 5.61 3.50
N PRO A 190 -31.24 5.34 4.60
CA PRO A 190 -31.84 5.02 5.89
C PRO A 190 -32.75 6.12 6.45
N GLY A 191 -32.33 7.37 6.30
CA GLY A 191 -33.09 8.49 6.81
C GLY A 191 -34.49 8.73 6.28
N GLY A 192 -34.85 8.08 5.18
CA GLY A 192 -36.18 8.27 4.63
C GLY A 192 -37.19 7.25 5.11
N GLU A 193 -36.72 6.25 5.85
CA GLU A 193 -37.59 5.19 6.36
C GLU A 193 -38.72 5.75 7.22
N ASN A 194 -39.93 5.23 6.99
CA ASN A 194 -41.09 5.66 7.75
C ASN A 194 -41.16 7.18 7.84
N LYS A 195 -41.05 7.83 6.68
CA LYS A 195 -41.10 9.28 6.61
C LYS A 195 -42.08 9.69 5.51
N PRO A 196 -43.20 10.31 5.90
CA PRO A 196 -44.25 10.76 4.97
C PRO A 196 -43.73 11.44 3.70
N ILE A 197 -42.71 12.27 3.84
CA ILE A 197 -42.15 12.99 2.70
C ILE A 197 -40.70 12.66 2.44
N VAL A 198 -40.43 12.08 1.27
CA VAL A 198 -39.07 11.71 0.88
C VAL A 198 -38.84 12.29 -0.51
N ARG A 199 -37.89 13.22 -0.62
CA ARG A 199 -37.60 13.87 -1.89
C ARG A 199 -36.11 13.99 -2.20
N LEU A 200 -35.81 14.18 -3.48
CA LEU A 200 -34.44 14.35 -3.93
C LEU A 200 -34.33 15.75 -4.52
N TYR A 201 -33.81 16.69 -3.72
CA TYR A 201 -33.65 18.06 -4.18
C TYR A 201 -32.39 18.19 -5.02
N TYR A 202 -32.40 19.12 -5.97
CA TYR A 202 -31.24 19.31 -6.84
C TYR A 202 -31.05 20.75 -7.29
N SER A 203 -29.79 21.14 -7.42
CA SER A 203 -29.44 22.48 -7.86
C SER A 203 -28.26 22.38 -8.82
N HIS A 204 -28.41 22.95 -10.00
CA HIS A 204 -27.37 22.92 -11.02
C HIS A 204 -26.11 23.66 -10.62
N SER A 205 -26.26 24.90 -10.16
CA SER A 205 -25.11 25.73 -9.81
C SER A 205 -25.09 26.20 -8.37
N SER A 206 -26.07 25.78 -7.58
CA SER A 206 -26.12 26.23 -6.19
C SER A 206 -26.14 25.12 -5.16
N LYS A 207 -25.87 25.51 -3.92
CA LYS A 207 -25.85 24.59 -2.79
C LYS A 207 -27.25 24.54 -2.20
N VAL A 208 -27.75 23.33 -1.96
CA VAL A 208 -29.09 23.18 -1.40
C VAL A 208 -29.08 23.53 0.09
N ALA A 209 -29.90 24.50 0.46
CA ALA A 209 -29.99 24.95 1.85
C ALA A 209 -31.24 25.80 2.07
N ALA A 210 -31.79 25.72 3.28
CA ALA A 210 -32.99 26.49 3.63
C ALA A 210 -32.75 27.99 3.49
N ASP A 211 -33.76 28.68 2.94
CA ASP A 211 -33.66 30.13 2.76
C ASP A 211 -33.89 30.85 4.08
N SER A 212 -33.96 32.18 4.03
CA SER A 212 -34.17 32.99 5.22
C SER A 212 -35.49 32.65 5.91
N ASN A 213 -36.46 32.17 5.14
CA ASN A 213 -37.76 31.81 5.68
C ASN A 213 -37.73 30.41 6.28
N GLY A 214 -36.57 29.77 6.21
CA GLY A 214 -36.42 28.44 6.76
C GLY A 214 -37.05 27.40 5.83
N GLU A 215 -37.21 27.77 4.57
CA GLU A 215 -37.79 26.89 3.58
C GLU A 215 -36.79 26.47 2.51
N PHE A 216 -37.04 25.34 1.86
CA PHE A 216 -36.19 24.85 0.79
C PHE A 216 -36.93 25.10 -0.52
N SER A 217 -36.59 26.21 -1.16
CA SER A 217 -37.24 26.61 -2.40
C SER A 217 -36.68 25.91 -3.65
N ASP A 218 -35.54 25.26 -3.50
CA ASP A 218 -34.92 24.56 -4.63
C ASP A 218 -35.86 23.52 -5.22
N LYS A 219 -35.60 23.16 -6.47
CA LYS A 219 -36.39 22.18 -7.19
C LYS A 219 -36.10 20.78 -6.67
N TYR A 220 -37.03 19.85 -6.89
CA TYR A 220 -36.85 18.47 -6.43
C TYR A 220 -37.69 17.48 -7.22
N VAL A 221 -37.51 16.20 -6.90
CA VAL A 221 -38.24 15.11 -7.52
C VAL A 221 -38.74 14.23 -6.39
N LYS A 222 -39.98 13.75 -6.51
CA LYS A 222 -40.57 12.91 -5.47
C LYS A 222 -40.08 11.47 -5.46
N LEU A 223 -39.89 10.94 -4.26
CA LEU A 223 -39.44 9.57 -4.07
C LEU A 223 -40.55 8.76 -3.41
N THR A 224 -40.59 7.46 -3.70
CA THR A 224 -41.60 6.59 -3.12
C THR A 224 -40.99 5.28 -2.67
N PRO A 225 -41.42 4.76 -1.52
CA PRO A 225 -40.89 3.49 -0.99
C PRO A 225 -41.00 2.36 -2.00
N THR A 226 -39.93 1.59 -2.14
CA THR A 226 -39.89 0.47 -3.07
C THR A 226 -39.03 -0.64 -2.46
N THR A 227 -38.81 -1.71 -3.23
CA THR A 227 -37.99 -2.82 -2.76
C THR A 227 -36.79 -2.98 -3.68
N VAL A 228 -35.59 -2.95 -3.09
CA VAL A 228 -34.36 -3.10 -3.85
C VAL A 228 -34.42 -4.32 -4.76
N ASN A 229 -34.06 -4.12 -6.03
CA ASN A 229 -34.09 -5.21 -7.00
C ASN A 229 -32.87 -6.11 -6.81
N GLN A 230 -32.95 -7.31 -7.38
CA GLN A 230 -31.85 -8.26 -7.28
C GLN A 230 -30.59 -7.70 -7.94
N GLN A 231 -30.78 -6.89 -8.97
CA GLN A 231 -29.67 -6.27 -9.69
C GLN A 231 -28.81 -5.43 -8.75
N VAL A 232 -29.43 -4.44 -8.10
CA VAL A 232 -28.71 -3.58 -7.18
C VAL A 232 -28.18 -4.36 -5.98
N SER A 233 -28.94 -5.36 -5.56
CA SER A 233 -28.54 -6.18 -4.43
C SER A 233 -27.22 -6.91 -4.71
N MET A 234 -27.11 -7.48 -5.92
CA MET A 234 -25.90 -8.19 -6.30
C MET A 234 -24.72 -7.24 -6.50
N ARG A 235 -24.99 -6.06 -7.02
CA ARG A 235 -23.94 -5.07 -7.26
C ARG A 235 -23.39 -4.51 -5.95
N PHE A 236 -24.28 -4.22 -5.01
CA PHE A 236 -23.85 -3.66 -3.73
C PHE A 236 -24.48 -4.39 -2.54
N PRO A 237 -23.97 -5.60 -2.25
CA PRO A 237 -24.46 -6.43 -1.15
C PRO A 237 -24.45 -5.72 0.19
N HIS A 238 -23.49 -4.83 0.37
CA HIS A 238 -23.33 -4.09 1.62
C HIS A 238 -24.38 -2.99 1.85
N LEU A 239 -25.18 -2.70 0.83
CA LEU A 239 -26.21 -1.66 0.93
C LEU A 239 -27.60 -2.28 0.77
N ALA A 240 -27.62 -3.59 0.52
CA ALA A 240 -28.88 -4.32 0.30
C ALA A 240 -29.91 -4.21 1.41
N SER A 241 -29.48 -3.88 2.63
CA SER A 241 -30.43 -3.76 3.74
C SER A 241 -30.91 -2.34 3.98
N TYR A 242 -30.47 -1.41 3.15
CA TYR A 242 -30.88 -0.01 3.28
C TYR A 242 -32.30 0.20 2.76
N PRO A 243 -33.06 1.11 3.38
CA PRO A 243 -34.42 1.37 2.91
C PRO A 243 -34.35 1.87 1.46
N ALA A 244 -35.14 1.29 0.57
CA ALA A 244 -35.12 1.68 -0.83
C ALA A 244 -36.21 2.67 -1.24
N PHE A 245 -35.87 3.56 -2.16
CA PHE A 245 -36.80 4.57 -2.66
C PHE A 245 -36.74 4.60 -4.19
N LYS A 246 -37.90 4.78 -4.81
CA LYS A 246 -38.00 4.79 -6.27
C LYS A 246 -38.23 6.17 -6.88
N LEU A 247 -37.43 6.50 -7.88
CA LEU A 247 -37.54 7.78 -8.60
C LEU A 247 -38.43 7.57 -9.82
N PRO A 248 -39.10 8.63 -10.30
CA PRO A 248 -39.95 8.46 -11.47
C PRO A 248 -39.13 8.03 -12.68
N ASP A 249 -39.73 7.20 -13.54
CA ASP A 249 -39.04 6.70 -14.73
C ASP A 249 -38.68 7.81 -15.71
N ASP A 250 -39.42 8.91 -15.64
CA ASP A 250 -39.17 10.05 -16.55
C ASP A 250 -38.11 11.00 -16.01
N VAL A 251 -37.43 10.59 -14.94
CA VAL A 251 -36.39 11.43 -14.35
C VAL A 251 -35.25 11.72 -15.32
N ASN A 252 -34.83 12.97 -15.36
CA ASN A 252 -33.74 13.38 -16.23
C ASN A 252 -32.43 13.22 -15.46
N VAL A 253 -31.98 11.97 -15.35
CA VAL A 253 -30.76 11.65 -14.63
C VAL A 253 -29.55 12.49 -15.03
N ASP A 254 -29.34 12.65 -16.33
CA ASP A 254 -28.21 13.41 -16.82
C ASP A 254 -28.14 14.83 -16.25
N GLU A 255 -29.27 15.52 -16.24
CA GLU A 255 -29.30 16.88 -15.72
C GLU A 255 -29.04 16.94 -14.22
N LEU A 256 -29.67 16.04 -13.47
CA LEU A 256 -29.47 16.03 -12.02
C LEU A 256 -28.03 15.71 -11.64
N LEU A 257 -27.37 14.89 -12.43
CA LEU A 257 -25.98 14.51 -12.15
C LEU A 257 -24.99 15.64 -12.47
N GLN A 258 -25.48 16.69 -13.11
CA GLN A 258 -24.66 17.85 -13.48
C GLN A 258 -24.38 18.76 -12.29
N GLY A 259 -25.15 18.61 -11.23
CA GLY A 259 -24.95 19.46 -10.07
C GLY A 259 -25.08 18.71 -8.76
N GLU A 260 -25.49 19.43 -7.71
CA GLU A 260 -25.65 18.82 -6.40
C GLU A 260 -27.04 18.23 -6.23
N THR A 261 -27.10 17.12 -5.50
CA THR A 261 -28.36 16.46 -5.20
C THR A 261 -28.33 16.16 -3.71
N VAL A 262 -29.47 16.41 -3.05
CA VAL A 262 -29.58 16.17 -1.62
C VAL A 262 -30.88 15.44 -1.31
N ALA A 263 -30.78 14.37 -0.52
CA ALA A 263 -31.96 13.60 -0.15
C ALA A 263 -32.53 14.24 1.11
N ILE A 264 -33.80 14.61 1.07
CA ILE A 264 -34.45 15.24 2.20
C ILE A 264 -35.71 14.47 2.61
N ALA A 265 -35.94 14.39 3.91
CA ALA A 265 -37.10 13.70 4.46
C ALA A 265 -37.77 14.61 5.49
N ALA A 266 -39.10 14.54 5.56
CA ALA A 266 -39.85 15.35 6.50
C ALA A 266 -41.16 14.70 6.91
N GLU A 267 -41.78 15.26 7.95
CA GLU A 267 -43.04 14.75 8.45
C GLU A 267 -44.19 15.24 7.58
N SER A 268 -45.36 14.61 7.72
CA SER A 268 -46.53 14.98 6.94
C SER A 268 -46.84 16.47 6.98
N ASP A 269 -46.45 17.14 8.06
CA ASP A 269 -46.71 18.57 8.20
C ASP A 269 -45.66 19.45 7.52
N GLY A 270 -44.67 18.83 6.88
CA GLY A 270 -43.64 19.58 6.18
C GLY A 270 -42.39 19.91 6.98
N ILE A 271 -42.34 19.51 8.24
CA ILE A 271 -41.17 19.77 9.07
C ILE A 271 -40.06 18.78 8.74
N LEU A 272 -38.90 19.30 8.36
CA LEU A 272 -37.75 18.48 7.99
C LEU A 272 -37.25 17.57 9.11
N SER A 273 -36.92 16.33 8.75
CA SER A 273 -36.42 15.35 9.70
C SER A 273 -34.92 15.19 9.52
N SER A 274 -34.46 15.23 8.26
CA SER A 274 -33.04 15.11 7.95
C SER A 274 -32.80 15.34 6.46
N ALA A 275 -31.55 15.64 6.12
CA ALA A 275 -31.14 15.89 4.75
C ALA A 275 -29.67 15.51 4.61
N THR A 276 -29.33 14.76 3.56
CA THR A 276 -27.95 14.34 3.37
C THR A 276 -27.48 14.39 1.92
N GLN A 277 -26.17 14.34 1.71
CA GLN A 277 -25.61 14.36 0.37
C GLN A 277 -25.76 12.97 -0.26
N VAL A 278 -25.66 12.91 -1.58
CA VAL A 278 -25.84 11.66 -2.32
C VAL A 278 -24.59 11.12 -3.02
N GLN A 279 -24.30 9.84 -2.82
CA GLN A 279 -23.15 9.19 -3.47
C GLN A 279 -23.73 8.62 -4.77
N THR A 280 -23.19 9.08 -5.89
CA THR A 280 -23.69 8.71 -7.21
C THR A 280 -22.91 7.72 -8.07
N ALA A 281 -21.87 7.10 -7.53
CA ALA A 281 -21.06 6.16 -8.31
C ALA A 281 -21.90 5.07 -8.99
N GLY A 282 -22.84 4.51 -8.24
CA GLY A 282 -23.67 3.45 -8.79
C GLY A 282 -24.48 3.84 -10.01
N VAL A 283 -25.19 4.97 -9.92
CA VAL A 283 -26.01 5.41 -11.05
C VAL A 283 -25.12 5.84 -12.21
N LEU A 284 -23.89 6.25 -11.91
CA LEU A 284 -22.98 6.66 -12.98
C LEU A 284 -22.64 5.43 -13.83
N ASP A 285 -22.37 4.30 -13.17
CA ASP A 285 -22.03 3.07 -13.89
C ASP A 285 -23.25 2.55 -14.64
N ASP A 286 -24.40 2.56 -13.99
CA ASP A 286 -25.62 2.06 -14.60
C ASP A 286 -26.02 2.89 -15.81
N THR A 287 -25.73 4.19 -15.77
CA THR A 287 -26.09 5.09 -16.87
C THR A 287 -25.07 5.20 -18.01
N TYR A 288 -23.79 5.25 -17.66
CA TYR A 288 -22.75 5.46 -18.68
C TYR A 288 -21.68 4.39 -18.93
N ALA A 289 -21.44 3.53 -17.95
CA ALA A 289 -20.38 2.51 -18.04
C ALA A 289 -20.25 1.70 -19.33
N ALA A 290 -21.33 1.07 -19.77
CA ALA A 290 -21.25 0.25 -20.98
C ALA A 290 -20.80 1.03 -22.20
N ALA A 291 -21.41 2.19 -22.41
CA ALA A 291 -21.07 3.03 -23.55
C ALA A 291 -19.64 3.55 -23.44
N ALA A 292 -19.24 3.92 -22.23
CA ALA A 292 -17.90 4.44 -21.99
C ALA A 292 -16.82 3.37 -22.12
N GLU A 293 -17.14 2.14 -21.73
CA GLU A 293 -16.19 1.03 -21.80
C GLU A 293 -15.79 0.70 -23.23
N ALA A 294 -16.71 0.96 -24.17
CA ALA A 294 -16.47 0.67 -25.58
C ALA A 294 -15.54 1.66 -26.27
N LEU A 295 -15.11 2.70 -25.55
CA LEU A 295 -14.22 3.72 -26.12
C LEU A 295 -12.82 3.65 -25.57
N SER A 296 -11.89 4.33 -26.25
CA SER A 296 -10.48 4.39 -25.82
C SER A 296 -10.19 5.81 -25.36
N TYR A 297 -9.28 5.92 -24.38
CA TYR A 297 -8.98 7.21 -23.78
C TYR A 297 -7.54 7.72 -23.86
N GLY A 298 -7.38 9.01 -23.54
CA GLY A 298 -6.09 9.66 -23.57
C GLY A 298 -5.87 10.44 -24.85
N ALA A 299 -4.64 10.90 -25.07
CA ALA A 299 -4.29 11.63 -26.29
C ALA A 299 -3.80 10.55 -27.23
N GLN A 300 -4.70 10.09 -28.10
CA GLN A 300 -4.42 9.02 -29.03
C GLN A 300 -3.90 9.54 -30.35
N LEU A 301 -2.58 9.53 -30.45
CA LEU A 301 -1.85 10.03 -31.61
C LEU A 301 -1.43 8.97 -32.60
N THR A 302 -1.70 9.24 -33.87
CA THR A 302 -1.31 8.37 -34.96
C THR A 302 -0.59 9.32 -35.91
N ASP A 303 0.14 8.78 -36.88
CA ASP A 303 0.85 9.65 -37.81
C ASP A 303 -0.14 10.48 -38.63
N SER A 304 -1.41 10.10 -38.61
CA SER A 304 -2.44 10.80 -39.38
C SER A 304 -3.32 11.78 -38.60
N GLY A 305 -3.17 11.83 -37.28
CA GLY A 305 -3.98 12.74 -36.48
C GLY A 305 -4.04 12.38 -35.02
N VAL A 306 -4.79 13.15 -34.24
CA VAL A 306 -4.92 12.88 -32.81
C VAL A 306 -6.35 13.07 -32.32
N THR A 307 -6.75 12.18 -31.42
CA THR A 307 -8.08 12.25 -30.82
C THR A 307 -7.88 12.18 -29.31
N PHE A 308 -8.34 13.23 -28.61
CA PHE A 308 -8.25 13.27 -27.15
C PHE A 308 -9.59 12.82 -26.60
N ARG A 309 -9.57 12.02 -25.54
CA ARG A 309 -10.82 11.60 -24.91
C ARG A 309 -10.62 11.39 -23.42
N VAL A 310 -11.55 11.94 -22.64
CA VAL A 310 -11.54 11.82 -21.19
C VAL A 310 -12.96 11.56 -20.70
N TRP A 311 -13.10 10.64 -19.75
CA TRP A 311 -14.42 10.32 -19.21
C TRP A 311 -14.75 11.32 -18.09
N ALA A 312 -15.84 12.05 -18.22
CA ALA A 312 -16.25 13.02 -17.21
C ALA A 312 -17.76 13.22 -17.29
N PRO A 313 -18.53 12.18 -16.97
CA PRO A 313 -20.00 12.15 -17.01
C PRO A 313 -20.78 13.20 -16.20
N THR A 314 -20.15 13.81 -15.19
CA THR A 314 -20.85 14.81 -14.39
C THR A 314 -20.39 16.24 -14.66
N ALA A 315 -19.32 16.40 -15.43
CA ALA A 315 -18.80 17.73 -15.73
C ALA A 315 -19.78 18.60 -16.50
N GLN A 316 -19.81 19.90 -16.18
CA GLN A 316 -20.69 20.83 -16.86
C GLN A 316 -19.98 21.36 -18.11
N GLN A 317 -18.66 21.42 -18.05
CA GLN A 317 -17.84 21.88 -19.17
C GLN A 317 -16.44 21.29 -19.08
N VAL A 318 -15.85 21.03 -20.24
CA VAL A 318 -14.49 20.49 -20.31
C VAL A 318 -13.80 21.10 -21.53
N GLU A 319 -12.67 21.74 -21.31
CA GLU A 319 -11.91 22.34 -22.40
C GLU A 319 -10.52 21.74 -22.45
N LEU A 320 -10.03 21.50 -23.66
CA LEU A 320 -8.70 20.95 -23.87
C LEU A 320 -7.74 22.13 -23.97
N VAL A 321 -6.85 22.25 -23.01
CA VAL A 321 -5.90 23.36 -23.00
C VAL A 321 -4.54 22.90 -23.51
N ILE A 322 -4.08 23.52 -24.60
CA ILE A 322 -2.80 23.18 -25.21
C ILE A 322 -1.71 24.17 -24.82
N TYR A 323 -0.59 23.64 -24.34
CA TYR A 323 0.54 24.48 -23.90
C TYR A 323 1.80 24.31 -24.73
N SER A 324 2.55 25.40 -24.88
CA SER A 324 3.80 25.35 -25.62
C SER A 324 4.83 24.72 -24.70
N ALA A 325 6.04 24.50 -25.22
CA ALA A 325 7.11 23.91 -24.42
C ALA A 325 7.40 24.77 -23.19
N ASP A 326 7.29 26.08 -23.34
CA ASP A 326 7.53 27.00 -22.24
C ASP A 326 6.31 27.16 -21.33
N LYS A 327 5.32 26.29 -21.54
CA LYS A 327 4.09 26.27 -20.75
C LYS A 327 3.19 27.50 -20.85
N LYS A 328 3.08 28.05 -22.06
CA LYS A 328 2.20 29.19 -22.30
C LYS A 328 0.99 28.62 -23.04
N VAL A 329 -0.20 29.10 -22.71
CA VAL A 329 -1.41 28.61 -23.37
C VAL A 329 -1.38 28.98 -24.85
N ILE A 330 -1.46 27.96 -25.71
CA ILE A 330 -1.46 28.18 -27.15
C ILE A 330 -2.91 28.21 -27.62
N ALA A 331 -3.75 27.39 -27.00
CA ALA A 331 -5.15 27.32 -27.37
C ALA A 331 -5.97 26.58 -26.32
N SER A 332 -7.25 26.93 -26.23
CA SER A 332 -8.17 26.29 -25.30
C SER A 332 -9.35 25.86 -26.18
N HIS A 333 -9.55 24.55 -26.27
CA HIS A 333 -10.62 23.99 -27.10
C HIS A 333 -11.80 23.41 -26.34
N PRO A 334 -13.00 23.97 -26.51
CA PRO A 334 -14.12 23.37 -25.78
C PRO A 334 -14.30 21.97 -26.39
N MET A 335 -14.41 20.96 -25.55
CA MET A 335 -14.57 19.60 -26.06
C MET A 335 -16.01 19.23 -26.37
N THR A 336 -16.18 18.14 -27.10
CA THR A 336 -17.51 17.67 -27.48
C THR A 336 -17.96 16.50 -26.60
N ARG A 337 -19.08 16.68 -25.91
CA ARG A 337 -19.60 15.65 -25.00
C ARG A 337 -20.46 14.62 -25.73
N ASP A 338 -20.21 13.35 -25.43
CA ASP A 338 -20.98 12.25 -26.01
C ASP A 338 -22.04 11.91 -24.97
N SER A 339 -23.31 12.10 -25.33
CA SER A 339 -24.41 11.84 -24.41
C SER A 339 -24.52 10.42 -23.83
N ALA A 340 -24.29 9.41 -24.66
CA ALA A 340 -24.40 8.03 -24.20
C ALA A 340 -23.34 7.59 -23.19
N SER A 341 -22.12 8.05 -23.38
CA SER A 341 -21.00 7.65 -22.50
C SER A 341 -20.59 8.67 -21.44
N GLY A 342 -20.84 9.93 -21.70
CA GLY A 342 -20.44 10.95 -20.76
C GLY A 342 -18.96 11.28 -20.94
N ALA A 343 -18.42 10.85 -22.08
CA ALA A 343 -17.02 11.11 -22.40
C ALA A 343 -16.94 12.38 -23.24
N TRP A 344 -15.79 13.07 -23.17
CA TRP A 344 -15.59 14.28 -23.94
C TRP A 344 -14.42 14.05 -24.87
N SER A 345 -14.54 14.50 -26.12
CA SER A 345 -13.46 14.31 -27.09
C SER A 345 -13.18 15.54 -27.92
N TRP A 346 -12.03 15.53 -28.58
CA TRP A 346 -11.60 16.60 -29.46
C TRP A 346 -10.61 15.99 -30.42
N GLN A 347 -10.81 16.26 -31.71
CA GLN A 347 -9.94 15.71 -32.76
C GLN A 347 -9.13 16.81 -33.44
N GLY A 348 -7.83 16.57 -33.59
CA GLY A 348 -6.94 17.53 -34.24
C GLY A 348 -5.93 16.89 -35.16
N GLY A 349 -4.95 17.67 -35.61
CA GLY A 349 -3.94 17.17 -36.51
C GLY A 349 -2.73 16.54 -35.84
N SER A 350 -1.90 15.87 -36.64
CA SER A 350 -0.70 15.20 -36.14
C SER A 350 0.35 16.19 -35.67
N ASP A 351 0.17 17.47 -35.96
CA ASP A 351 1.13 18.49 -35.54
C ASP A 351 1.10 18.65 -34.02
N LEU A 352 0.09 18.07 -33.38
CA LEU A 352 -0.02 18.16 -31.93
C LEU A 352 0.91 17.17 -31.22
N LYS A 353 1.62 16.38 -32.00
CA LYS A 353 2.57 15.42 -31.44
C LYS A 353 3.55 16.18 -30.55
N GLY A 354 3.75 15.70 -29.32
CA GLY A 354 4.68 16.34 -28.41
C GLY A 354 4.15 17.53 -27.62
N ALA A 355 2.94 17.97 -27.93
CA ALA A 355 2.36 19.11 -27.22
C ALA A 355 1.97 18.78 -25.79
N PHE A 356 2.05 19.77 -24.91
CA PHE A 356 1.66 19.59 -23.52
C PHE A 356 0.20 19.98 -23.40
N TYR A 357 -0.51 19.38 -22.47
CA TYR A 357 -1.93 19.67 -22.33
C TYR A 357 -2.51 19.29 -20.99
N ARG A 358 -3.68 19.86 -20.70
CA ARG A 358 -4.44 19.59 -19.49
C ARG A 358 -5.91 19.79 -19.83
N TYR A 359 -6.78 19.24 -18.99
CA TYR A 359 -8.21 19.38 -19.20
C TYR A 359 -8.75 20.38 -18.20
N ALA A 360 -9.34 21.46 -18.70
CA ALA A 360 -9.92 22.49 -17.82
C ALA A 360 -11.32 22.00 -17.48
N MET A 361 -11.52 21.67 -16.21
CA MET A 361 -12.81 21.16 -15.76
C MET A 361 -13.70 22.18 -15.07
N THR A 362 -15.00 22.03 -15.26
CA THR A 362 -16.01 22.84 -14.58
C THR A 362 -16.91 21.71 -14.10
N VAL A 363 -16.75 21.33 -12.83
CA VAL A 363 -17.49 20.21 -12.29
C VAL A 363 -17.78 20.31 -10.80
N TYR A 364 -18.97 19.85 -10.41
CA TYR A 364 -19.38 19.86 -9.02
C TYR A 364 -18.62 18.79 -8.23
N HIS A 365 -18.03 19.18 -7.10
CA HIS A 365 -17.32 18.21 -6.26
C HIS A 365 -18.08 18.13 -4.95
N PRO A 366 -18.62 16.96 -4.61
CA PRO A 366 -19.38 16.74 -3.37
C PRO A 366 -18.66 17.06 -2.07
N GLN A 367 -17.32 16.94 -2.06
CA GLN A 367 -16.57 17.22 -0.84
C GLN A 367 -16.60 18.71 -0.47
N SER A 368 -16.52 19.57 -1.48
CA SER A 368 -16.54 21.01 -1.26
C SER A 368 -17.92 21.60 -1.48
N ARG A 369 -18.79 20.82 -2.14
CA ARG A 369 -20.15 21.23 -2.44
C ARG A 369 -20.23 22.43 -3.39
N LYS A 370 -19.23 22.59 -4.24
CA LYS A 370 -19.24 23.69 -5.18
C LYS A 370 -18.78 23.26 -6.57
N VAL A 371 -19.18 24.05 -7.57
CA VAL A 371 -18.79 23.78 -8.95
C VAL A 371 -17.37 24.26 -9.11
N GLU A 372 -16.43 23.33 -9.00
CA GLU A 372 -15.02 23.65 -9.11
C GLU A 372 -14.58 23.97 -10.53
N GLN A 373 -13.52 24.75 -10.63
CA GLN A 373 -12.93 25.12 -11.91
C GLN A 373 -11.42 24.95 -11.77
N TYR A 374 -10.88 23.96 -12.45
CA TYR A 374 -9.44 23.68 -12.40
C TYR A 374 -8.94 22.86 -13.57
N GLU A 375 -7.64 22.97 -13.84
CA GLU A 375 -7.02 22.21 -14.92
C GLU A 375 -6.39 20.96 -14.31
N VAL A 376 -6.57 19.83 -15.00
CA VAL A 376 -6.06 18.55 -14.52
C VAL A 376 -5.36 17.77 -15.60
N THR A 377 -4.31 17.05 -15.22
CA THR A 377 -3.58 16.24 -16.18
C THR A 377 -4.47 15.06 -16.57
N ASP A 378 -4.10 14.38 -17.65
CA ASP A 378 -4.85 13.24 -18.17
C ASP A 378 -4.60 11.98 -17.35
N PRO A 379 -5.66 11.33 -16.86
CA PRO A 379 -5.44 10.10 -16.09
C PRO A 379 -4.88 9.01 -17.00
N TYR A 380 -5.06 9.17 -18.30
CA TYR A 380 -4.54 8.22 -19.29
C TYR A 380 -3.26 8.77 -19.91
N ALA A 381 -2.61 9.70 -19.22
CA ALA A 381 -1.36 10.29 -19.72
C ALA A 381 -0.33 9.19 -20.00
N HIS A 382 0.46 9.38 -21.06
CA HIS A 382 1.50 8.42 -21.40
C HIS A 382 2.86 9.11 -21.47
N SER A 383 2.84 10.42 -21.22
CA SER A 383 4.05 11.23 -21.19
C SER A 383 3.72 12.45 -20.33
N LEU A 384 4.73 12.99 -19.65
CA LEU A 384 4.53 14.12 -18.77
C LEU A 384 5.70 15.11 -18.81
N SER A 385 5.44 16.30 -18.29
CA SER A 385 6.48 17.33 -18.18
C SER A 385 7.11 17.06 -16.82
N THR A 386 8.12 17.86 -16.46
CA THR A 386 8.79 17.68 -15.17
C THR A 386 7.82 17.79 -13.98
N ASN A 387 7.90 16.80 -13.09
CA ASN A 387 7.08 16.72 -11.89
C ASN A 387 5.60 16.52 -12.17
N SER A 388 5.28 16.02 -13.36
CA SER A 388 3.90 15.72 -13.75
C SER A 388 2.93 16.89 -13.82
N GLU A 389 3.42 18.11 -14.02
CA GLU A 389 2.52 19.27 -14.05
C GLU A 389 1.61 19.31 -15.28
N TYR A 390 2.10 18.79 -16.41
CA TYR A 390 1.32 18.76 -17.64
C TYR A 390 1.46 17.39 -18.31
N SER A 391 0.40 16.95 -19.00
CA SER A 391 0.49 15.69 -19.73
C SER A 391 1.05 16.05 -21.11
N GLN A 392 1.49 15.05 -21.87
CA GLN A 392 2.08 15.30 -23.19
C GLN A 392 1.59 14.29 -24.22
N VAL A 393 1.31 14.76 -25.44
CA VAL A 393 0.86 13.88 -26.50
C VAL A 393 2.03 13.03 -27.00
N VAL A 394 1.85 11.72 -27.00
CA VAL A 394 2.92 10.83 -27.43
C VAL A 394 2.42 9.55 -28.13
N ASP A 395 3.25 9.04 -29.04
CA ASP A 395 2.96 7.79 -29.74
C ASP A 395 4.08 6.85 -29.31
N LEU A 396 3.78 5.97 -28.35
CA LEU A 396 4.78 5.05 -27.84
C LEU A 396 5.39 4.13 -28.89
N ASN A 397 4.74 4.02 -30.05
CA ASN A 397 5.25 3.17 -31.13
C ASN A 397 6.40 3.81 -31.89
N ASP A 398 6.57 5.11 -31.73
CA ASP A 398 7.63 5.86 -32.41
C ASP A 398 9.01 5.23 -32.23
N SER A 399 9.73 5.04 -33.32
CA SER A 399 11.06 4.45 -33.27
C SER A 399 12.05 5.32 -32.49
N ALA A 400 11.79 6.63 -32.44
CA ALA A 400 12.67 7.55 -31.74
C ALA A 400 12.62 7.36 -30.22
N LEU A 401 11.60 6.63 -29.75
CA LEU A 401 11.45 6.37 -28.31
C LEU A 401 11.82 4.93 -27.98
N LYS A 402 12.54 4.28 -28.90
CA LYS A 402 12.94 2.89 -28.71
C LYS A 402 14.43 2.65 -28.87
N PRO A 403 15.02 1.85 -27.97
CA PRO A 403 16.46 1.57 -28.09
C PRO A 403 16.63 0.67 -29.31
N GLU A 404 17.83 0.63 -29.86
CA GLU A 404 18.10 -0.19 -31.03
C GLU A 404 17.75 -1.66 -30.79
N GLY A 405 16.94 -2.23 -31.69
CA GLY A 405 16.55 -3.63 -31.56
C GLY A 405 15.45 -3.93 -30.57
N TRP A 406 14.77 -2.90 -30.09
CA TRP A 406 13.70 -3.06 -29.11
C TRP A 406 12.58 -4.02 -29.50
N ASP A 407 12.04 -3.86 -30.71
CA ASP A 407 10.94 -4.71 -31.14
C ASP A 407 11.23 -6.20 -31.12
N GLY A 408 12.49 -6.57 -31.24
CA GLY A 408 12.84 -7.98 -31.23
C GLY A 408 13.28 -8.52 -29.87
N LEU A 409 13.10 -7.73 -28.82
CA LEU A 409 13.50 -8.15 -27.47
C LEU A 409 12.71 -9.36 -27.02
N THR A 410 13.42 -10.42 -26.65
CA THR A 410 12.78 -11.66 -26.20
C THR A 410 12.88 -11.83 -24.69
N MET A 411 11.99 -12.64 -24.14
CA MET A 411 11.96 -12.92 -22.70
C MET A 411 12.97 -14.06 -22.46
N PRO A 412 14.04 -13.80 -21.67
CA PRO A 412 15.06 -14.82 -21.40
C PRO A 412 14.60 -16.08 -20.67
N HIS A 413 13.53 -15.98 -19.90
CA HIS A 413 13.00 -17.14 -19.17
C HIS A 413 11.55 -17.39 -19.53
N ALA A 414 11.23 -18.64 -19.82
CA ALA A 414 9.88 -19.04 -20.19
C ALA A 414 8.94 -18.98 -19.00
N GLN A 415 7.67 -18.67 -19.29
CA GLN A 415 6.62 -18.58 -18.28
C GLN A 415 5.34 -19.22 -18.82
N LYS A 416 5.48 -20.15 -19.76
CA LYS A 416 4.32 -20.80 -20.35
C LYS A 416 3.67 -21.90 -19.52
N THR A 417 4.43 -22.92 -19.15
CA THR A 417 3.90 -24.02 -18.36
C THR A 417 4.10 -23.76 -16.86
N LYS A 418 3.43 -24.55 -16.03
CA LYS A 418 3.58 -24.39 -14.58
C LYS A 418 5.02 -24.70 -14.20
N ALA A 419 5.61 -25.68 -14.88
CA ALA A 419 7.00 -26.04 -14.60
C ALA A 419 7.90 -24.86 -14.95
N ASP A 420 7.56 -24.11 -16.00
CA ASP A 420 8.35 -22.93 -16.38
C ASP A 420 8.25 -21.89 -15.27
N LEU A 421 7.02 -21.63 -14.84
CA LEU A 421 6.75 -20.64 -13.80
C LEU A 421 7.43 -20.94 -12.47
N ALA A 422 7.42 -22.21 -12.08
CA ALA A 422 8.01 -22.61 -10.81
C ALA A 422 9.49 -22.26 -10.70
N LYS A 423 10.17 -22.12 -11.84
CA LYS A 423 11.59 -21.79 -11.83
C LYS A 423 11.84 -20.32 -11.51
N MET A 424 10.76 -19.55 -11.44
CA MET A 424 10.84 -18.12 -11.14
C MET A 424 11.55 -17.89 -9.81
N THR A 425 12.63 -17.12 -9.87
CA THR A 425 13.46 -16.79 -8.71
C THR A 425 13.65 -15.28 -8.78
N ILE A 426 12.89 -14.57 -7.94
CA ILE A 426 12.83 -13.10 -7.93
C ILE A 426 13.77 -12.33 -7.02
N HIS A 427 14.32 -11.24 -7.56
CA HIS A 427 15.22 -10.34 -6.84
C HIS A 427 14.51 -8.99 -6.79
N GLU A 428 13.86 -8.69 -5.66
CA GLU A 428 13.10 -7.44 -5.46
C GLU A 428 14.00 -6.24 -5.27
N SER A 429 14.05 -5.37 -6.27
CA SER A 429 14.94 -4.21 -6.26
C SER A 429 14.30 -2.82 -6.37
N HIS A 430 15.11 -1.80 -6.10
CA HIS A 430 14.69 -0.39 -6.15
C HIS A 430 15.76 0.39 -6.92
N ILE A 431 15.33 1.33 -7.75
CA ILE A 431 16.27 2.09 -8.57
C ILE A 431 17.39 2.79 -7.80
N ARG A 432 17.09 3.42 -6.66
CA ARG A 432 18.15 4.08 -5.90
C ARG A 432 18.94 3.05 -5.07
N ASP A 433 18.26 2.07 -4.49
CA ASP A 433 18.96 1.06 -3.69
C ASP A 433 20.06 0.39 -4.51
N LEU A 434 19.79 0.19 -5.79
CA LEU A 434 20.78 -0.44 -6.66
C LEU A 434 22.04 0.37 -6.91
N SER A 435 21.88 1.63 -7.32
CA SER A 435 23.06 2.43 -7.67
C SER A 435 23.41 3.71 -6.91
N ALA A 436 22.58 4.13 -5.97
CA ALA A 436 22.87 5.37 -5.25
C ALA A 436 24.24 5.45 -4.59
N TRP A 437 24.78 4.30 -4.17
CA TRP A 437 26.08 4.27 -3.50
C TRP A 437 27.23 3.72 -4.33
N ASP A 438 26.96 3.25 -5.54
CA ASP A 438 28.02 2.65 -6.36
C ASP A 438 28.90 3.68 -7.07
N GLN A 439 30.10 3.87 -6.55
CA GLN A 439 31.04 4.83 -7.13
C GLN A 439 31.54 4.36 -8.50
N THR A 440 31.36 3.08 -8.81
CA THR A 440 31.82 2.56 -10.09
C THR A 440 30.75 2.75 -11.17
N VAL A 441 29.59 3.28 -10.77
CA VAL A 441 28.54 3.60 -11.72
C VAL A 441 28.79 5.09 -12.01
N PRO A 442 28.80 5.49 -13.30
CA PRO A 442 29.03 6.90 -13.62
C PRO A 442 28.14 7.81 -12.78
N ALA A 443 28.72 8.87 -12.22
CA ALA A 443 27.98 9.78 -11.37
C ALA A 443 26.61 10.22 -11.91
N GLU A 444 26.52 10.54 -13.19
CA GLU A 444 25.26 10.99 -13.74
C GLU A 444 24.19 9.92 -13.86
N LEU A 445 24.57 8.66 -13.66
CA LEU A 445 23.60 7.57 -13.76
C LEU A 445 23.21 6.98 -12.42
N ARG A 446 23.80 7.49 -11.35
CA ARG A 446 23.47 6.98 -10.02
C ARG A 446 22.03 7.33 -9.68
N GLY A 447 21.27 6.31 -9.26
CA GLY A 447 19.87 6.52 -8.92
C GLY A 447 18.99 6.64 -10.15
N LYS A 448 19.51 6.22 -11.30
CA LYS A 448 18.77 6.31 -12.56
C LYS A 448 18.55 4.94 -13.23
N TYR A 449 17.55 4.87 -14.09
CA TYR A 449 17.26 3.65 -14.83
C TYR A 449 18.51 3.19 -15.58
N LEU A 450 19.21 4.15 -16.19
CA LEU A 450 20.39 3.82 -16.99
C LEU A 450 21.57 3.20 -16.26
N ALA A 451 21.56 3.21 -14.93
CA ALA A 451 22.66 2.59 -14.21
C ALA A 451 22.79 1.11 -14.59
N LEU A 452 21.68 0.49 -14.97
CA LEU A 452 21.70 -0.92 -15.35
C LEU A 452 22.51 -1.18 -16.62
N THR A 453 22.89 -0.12 -17.32
CA THR A 453 23.67 -0.28 -18.54
C THR A 453 25.16 -0.14 -18.29
N ALA A 454 25.55 0.21 -17.06
CA ALA A 454 26.97 0.37 -16.73
C ALA A 454 27.60 -1.00 -16.47
N GLN A 455 27.88 -1.72 -17.56
CA GLN A 455 28.43 -3.08 -17.49
C GLN A 455 29.71 -3.25 -16.68
N GLU A 456 30.46 -2.18 -16.51
CA GLU A 456 31.72 -2.26 -15.76
C GLU A 456 31.58 -1.98 -14.28
N SER A 457 30.39 -1.62 -13.83
CA SER A 457 30.17 -1.30 -12.42
C SER A 457 30.06 -2.52 -11.52
N ASN A 458 30.32 -2.32 -10.23
CA ASN A 458 30.23 -3.39 -9.25
C ASN A 458 28.80 -3.91 -9.20
N MET A 459 27.83 -3.01 -9.23
CA MET A 459 26.41 -3.40 -9.17
C MET A 459 25.96 -4.26 -10.34
N VAL A 460 26.23 -3.83 -11.57
CA VAL A 460 25.80 -4.59 -12.72
C VAL A 460 26.53 -5.94 -12.80
N GLN A 461 27.84 -5.95 -12.52
CA GLN A 461 28.59 -7.19 -12.56
C GLN A 461 28.04 -8.16 -11.51
N HIS A 462 27.61 -7.62 -10.37
CA HIS A 462 27.05 -8.44 -9.30
C HIS A 462 25.74 -9.07 -9.77
N LEU A 463 24.88 -8.27 -10.41
CA LEU A 463 23.61 -8.79 -10.91
C LEU A 463 23.84 -9.80 -12.02
N LYS A 464 24.88 -9.56 -12.83
CA LYS A 464 25.19 -10.47 -13.93
C LYS A 464 25.54 -11.86 -13.38
N GLN A 465 26.30 -11.90 -12.29
CA GLN A 465 26.68 -13.17 -11.69
C GLN A 465 25.50 -13.83 -10.98
N LEU A 466 24.60 -13.02 -10.41
CA LEU A 466 23.43 -13.59 -9.75
C LEU A 466 22.58 -14.29 -10.81
N SER A 467 22.46 -13.66 -11.98
CA SER A 467 21.69 -14.22 -13.07
C SER A 467 22.31 -15.54 -13.54
N ALA A 468 23.62 -15.52 -13.76
CA ALA A 468 24.34 -16.70 -14.21
C ALA A 468 24.20 -17.85 -13.21
N SER A 469 23.99 -17.51 -11.94
CA SER A 469 23.85 -18.49 -10.87
C SER A 469 22.43 -18.97 -10.60
N GLY A 470 21.43 -18.38 -11.23
CA GLY A 470 20.07 -18.85 -10.98
C GLY A 470 18.97 -17.85 -10.65
N VAL A 471 19.32 -16.58 -10.42
CA VAL A 471 18.27 -15.59 -10.17
C VAL A 471 17.68 -15.36 -11.56
N THR A 472 16.36 -15.47 -11.70
CA THR A 472 15.75 -15.33 -13.03
C THR A 472 14.96 -14.06 -13.33
N HIS A 473 14.46 -13.41 -12.28
CA HIS A 473 13.64 -12.21 -12.45
C HIS A 473 14.06 -11.03 -11.59
N ILE A 474 13.96 -9.83 -12.15
CA ILE A 474 14.23 -8.61 -11.40
C ILE A 474 12.85 -7.97 -11.19
N GLU A 475 12.46 -7.74 -9.95
CA GLU A 475 11.19 -7.10 -9.66
C GLU A 475 11.52 -5.67 -9.26
N LEU A 476 10.83 -4.71 -9.87
CA LEU A 476 11.08 -3.30 -9.61
C LEU A 476 10.04 -2.61 -8.74
N LEU A 477 10.49 -2.01 -7.65
CA LEU A 477 9.60 -1.24 -6.78
C LEU A 477 9.11 -0.11 -7.70
N PRO A 478 7.97 0.52 -7.37
CA PRO A 478 7.38 1.59 -8.17
C PRO A 478 8.21 2.39 -9.18
N VAL A 479 8.02 2.09 -10.47
CA VAL A 479 8.70 2.83 -11.53
C VAL A 479 7.68 3.54 -12.41
N PHE A 480 6.41 3.54 -12.00
CA PHE A 480 5.38 4.27 -12.71
C PHE A 480 5.52 5.64 -12.03
N ASP A 481 4.76 6.65 -12.44
CA ASP A 481 4.91 7.99 -11.86
C ASP A 481 4.44 8.16 -10.42
N LEU A 482 5.38 8.20 -9.49
CA LEU A 482 5.07 8.41 -8.07
C LEU A 482 5.05 9.91 -7.79
N ALA A 483 4.46 10.31 -6.67
CA ALA A 483 4.33 11.71 -6.34
C ALA A 483 5.25 12.24 -5.26
N THR A 484 5.80 11.34 -4.47
CA THR A 484 6.62 11.71 -3.31
C THR A 484 8.09 12.10 -3.47
N VAL A 485 8.50 12.41 -4.70
CA VAL A 485 9.85 12.87 -4.98
C VAL A 485 9.70 14.04 -5.94
N ASN A 486 10.27 15.19 -5.60
CA ASN A 486 10.16 16.34 -6.47
C ASN A 486 11.09 16.11 -7.66
N GLU A 487 10.54 16.16 -8.87
CA GLU A 487 11.33 15.94 -10.07
C GLU A 487 12.11 17.17 -10.54
N PHE A 488 11.91 18.30 -9.89
CA PHE A 488 12.66 19.51 -10.22
C PHE A 488 13.94 19.42 -9.39
N SER A 489 15.05 19.08 -10.03
CA SER A 489 16.33 18.91 -9.35
C SER A 489 16.78 20.03 -8.42
N ASP A 490 16.47 21.28 -8.76
CA ASP A 490 16.88 22.39 -7.91
C ASP A 490 16.12 22.43 -6.58
N LYS A 491 15.05 21.64 -6.49
CA LYS A 491 14.25 21.59 -5.27
C LYS A 491 14.62 20.40 -4.40
N VAL A 492 15.64 19.65 -4.82
CA VAL A 492 16.07 18.46 -4.09
C VAL A 492 17.51 18.53 -3.60
N ALA A 493 17.77 17.91 -2.45
CA ALA A 493 19.10 17.85 -1.87
C ALA A 493 19.35 16.42 -1.38
N ASP A 494 20.44 15.82 -1.81
CA ASP A 494 20.76 14.46 -1.40
C ASP A 494 21.98 14.44 -0.48
N ILE A 495 22.17 13.33 0.23
CA ILE A 495 23.26 13.26 1.20
C ILE A 495 24.67 13.38 0.65
N GLN A 496 24.85 13.11 -0.64
CA GLN A 496 26.17 13.22 -1.24
C GLN A 496 26.53 14.68 -1.54
N GLN A 497 25.55 15.57 -1.39
CA GLN A 497 25.75 16.99 -1.67
C GLN A 497 26.01 17.83 -0.42
N PRO A 498 26.52 19.07 -0.60
CA PRO A 498 26.82 19.96 0.52
C PRO A 498 25.65 20.20 1.49
N PHE A 499 25.98 20.37 2.77
CA PHE A 499 24.93 20.63 3.75
C PHE A 499 24.30 21.98 3.41
N SER A 500 25.08 22.87 2.81
CA SER A 500 24.56 24.18 2.43
C SER A 500 23.39 24.06 1.46
N ARG A 501 23.44 23.05 0.58
CA ARG A 501 22.36 22.84 -0.38
C ARG A 501 21.10 22.37 0.37
N LEU A 502 21.29 21.48 1.33
CA LEU A 502 20.16 20.97 2.11
C LEU A 502 19.44 22.13 2.80
N CYS A 503 20.20 23.07 3.35
CA CYS A 503 19.60 24.21 4.05
C CYS A 503 18.88 25.17 3.12
N GLU A 504 19.38 25.30 1.89
CA GLU A 504 18.77 26.19 0.93
C GLU A 504 17.43 25.63 0.40
N VAL A 505 17.30 24.31 0.37
CA VAL A 505 16.07 23.71 -0.14
C VAL A 505 15.11 23.19 0.92
N ASN A 506 15.59 23.08 2.15
CA ASN A 506 14.77 22.55 3.25
C ASN A 506 14.76 23.52 4.44
N SER A 507 13.66 24.25 4.60
CA SER A 507 13.55 25.22 5.68
C SER A 507 13.48 24.61 7.06
N ALA A 508 13.00 23.36 7.15
CA ALA A 508 12.90 22.68 8.44
C ALA A 508 14.30 22.44 9.00
N VAL A 509 15.25 22.15 8.11
CA VAL A 509 16.62 21.92 8.53
C VAL A 509 17.23 23.24 9.01
N LYS A 510 17.03 24.28 8.23
CA LYS A 510 17.59 25.60 8.55
C LYS A 510 17.08 26.18 9.88
N SER A 511 15.95 25.67 10.36
CA SER A 511 15.39 26.17 11.62
C SER A 511 15.54 25.12 12.73
N SER A 512 16.30 24.06 12.44
CA SER A 512 16.52 22.98 13.40
C SER A 512 17.79 23.16 14.23
N GLU A 513 18.05 22.18 15.08
CA GLU A 513 19.23 22.18 15.94
C GLU A 513 20.49 21.93 15.08
N PHE A 514 20.29 21.55 13.83
CA PHE A 514 21.41 21.28 12.94
C PHE A 514 21.78 22.50 12.08
N ALA A 515 21.08 23.61 12.29
CA ALA A 515 21.33 24.84 11.52
C ALA A 515 22.80 25.26 11.47
N GLY A 516 23.56 24.93 12.52
CA GLY A 516 24.96 25.29 12.56
C GLY A 516 25.81 24.65 11.48
N TYR A 517 25.31 23.57 10.86
CA TYR A 517 26.05 22.91 9.79
C TYR A 517 25.79 23.56 8.43
N CYS A 518 24.83 24.48 8.36
CA CYS A 518 24.49 25.13 7.09
C CYS A 518 25.65 25.80 6.37
N ASP A 519 26.50 26.51 7.10
CA ASP A 519 27.62 27.17 6.44
C ASP A 519 28.94 26.45 6.69
N SER A 520 28.86 25.16 7.02
CA SER A 520 30.05 24.36 7.23
C SER A 520 30.45 23.97 5.81
N GLY A 521 31.53 23.23 5.67
CA GLY A 521 31.95 22.82 4.35
C GLY A 521 31.77 21.33 4.14
N SER A 522 30.95 20.71 4.99
CA SER A 522 30.70 19.28 4.91
C SER A 522 29.48 18.89 4.08
N THR A 523 29.47 17.67 3.59
CA THR A 523 28.34 17.15 2.84
C THR A 523 27.43 16.55 3.91
N VAL A 524 26.16 16.33 3.58
CA VAL A 524 25.23 15.76 4.55
C VAL A 524 25.72 14.39 5.04
N GLU A 525 26.22 13.60 4.11
CA GLU A 525 26.75 12.27 4.36
C GLU A 525 27.89 12.32 5.40
N GLU A 526 28.77 13.31 5.26
CA GLU A 526 29.89 13.45 6.18
C GLU A 526 29.41 13.80 7.58
N VAL A 527 28.37 14.60 7.67
CA VAL A 527 27.84 14.98 8.97
C VAL A 527 27.19 13.76 9.63
N LEU A 528 26.37 13.03 8.87
CA LEU A 528 25.70 11.85 9.39
C LEU A 528 26.76 10.85 9.92
N THR A 529 27.84 10.70 9.17
CA THR A 529 28.92 9.79 9.56
C THR A 529 29.51 10.19 10.91
N GLN A 530 29.79 11.49 11.09
CA GLN A 530 30.35 11.97 12.35
C GLN A 530 29.39 11.82 13.52
N LEU A 531 28.08 11.83 13.24
CA LEU A 531 27.09 11.70 14.31
C LEU A 531 26.96 10.28 14.84
N LYS A 532 27.53 9.32 14.13
CA LYS A 532 27.43 7.91 14.54
C LYS A 532 28.00 7.55 15.91
N GLN A 533 29.20 8.03 16.23
CA GLN A 533 29.82 7.65 17.49
C GLN A 533 28.99 7.98 18.74
N ASN A 534 28.36 9.16 18.75
CA ASN A 534 27.55 9.59 19.89
C ASN A 534 26.07 9.26 19.74
N ASP A 535 25.73 8.43 18.77
CA ASP A 535 24.35 8.04 18.52
C ASP A 535 23.97 6.82 19.37
N SER A 536 22.79 6.87 19.99
CA SER A 536 22.30 5.78 20.83
C SER A 536 20.80 5.93 21.08
N LYS A 537 20.24 5.02 21.86
CA LYS A 537 18.82 5.08 22.17
C LYS A 537 18.48 6.37 22.93
N ASP A 538 19.46 6.91 23.66
CA ASP A 538 19.26 8.14 24.43
C ASP A 538 19.56 9.39 23.62
N ASN A 539 20.17 9.21 22.45
CA ASN A 539 20.49 10.33 21.58
C ASN A 539 20.51 9.84 20.14
N PRO A 540 19.32 9.58 19.58
CA PRO A 540 19.21 9.10 18.20
C PRO A 540 19.35 10.24 17.21
N GLN A 541 20.54 10.84 17.19
CA GLN A 541 20.82 11.97 16.32
C GLN A 541 20.94 11.67 14.83
N VAL A 542 21.37 10.47 14.46
CA VAL A 542 21.50 10.13 13.05
C VAL A 542 20.11 10.17 12.40
N GLN A 543 19.13 9.50 13.00
CA GLN A 543 17.78 9.50 12.44
C GLN A 543 17.12 10.87 12.61
N ALA A 544 17.54 11.62 13.62
CA ALA A 544 16.95 12.95 13.84
C ALA A 544 17.24 13.83 12.61
N LEU A 545 18.47 13.80 12.15
CA LEU A 545 18.85 14.60 10.98
C LEU A 545 18.27 13.99 9.72
N ASN A 546 18.37 12.67 9.60
CA ASN A 546 17.89 11.99 8.40
C ASN A 546 16.39 12.17 8.19
N THR A 547 15.63 12.32 9.27
CA THR A 547 14.19 12.51 9.16
C THR A 547 13.88 13.81 8.43
N LEU A 548 14.73 14.81 8.64
CA LEU A 548 14.54 16.10 7.98
C LEU A 548 14.99 15.98 6.52
N VAL A 549 16.12 15.31 6.31
CA VAL A 549 16.66 15.09 4.96
C VAL A 549 15.64 14.41 4.05
N ALA A 550 14.92 13.44 4.61
CA ALA A 550 13.93 12.67 3.86
C ALA A 550 12.85 13.50 3.17
N GLN A 551 12.54 14.66 3.75
CA GLN A 551 11.51 15.55 3.23
C GLN A 551 11.84 16.12 1.85
N THR A 552 13.11 16.29 1.56
CA THR A 552 13.53 16.89 0.30
C THR A 552 14.59 16.13 -0.49
N ASP A 553 14.74 14.83 -0.26
CA ASP A 553 15.73 14.07 -1.00
C ASP A 553 15.10 13.37 -2.21
N SER A 554 15.88 12.56 -2.91
CA SER A 554 15.39 11.84 -4.09
C SER A 554 14.85 10.47 -3.74
N TYR A 555 14.73 10.17 -2.45
CA TYR A 555 14.32 8.84 -2.03
C TYR A 555 12.91 8.56 -1.51
N ASN A 556 12.32 7.51 -2.06
CA ASN A 556 11.01 7.00 -1.62
C ASN A 556 10.72 5.71 -2.37
N TRP A 557 10.16 4.74 -1.66
CA TRP A 557 9.80 3.48 -2.32
C TRP A 557 8.86 3.82 -3.48
N GLY A 558 8.02 4.83 -3.26
CA GLY A 558 7.10 5.28 -4.30
C GLY A 558 5.72 4.65 -4.40
N TYR A 559 5.18 4.14 -3.29
CA TYR A 559 3.82 3.56 -3.33
C TYR A 559 2.82 4.71 -3.19
N ASP A 560 2.99 5.70 -4.05
CA ASP A 560 2.19 6.93 -4.05
C ASP A 560 1.90 7.33 -5.50
N PRO A 561 0.93 6.65 -6.13
CA PRO A 561 0.53 6.87 -7.52
C PRO A 561 0.04 8.26 -7.91
N PHE A 562 0.74 8.87 -8.87
CA PHE A 562 0.38 10.19 -9.39
C PHE A 562 -0.26 9.90 -10.77
N HIS A 563 0.46 9.15 -11.61
CA HIS A 563 -0.03 8.72 -12.94
C HIS A 563 0.34 7.25 -13.10
N TYR A 564 -0.66 6.43 -13.38
CA TYR A 564 -0.44 4.99 -13.50
C TYR A 564 0.26 4.44 -14.74
N THR A 565 0.27 5.21 -15.82
CA THR A 565 0.85 4.69 -17.04
C THR A 565 1.93 5.54 -17.71
N VAL A 566 2.78 6.14 -16.88
CA VAL A 566 3.91 6.94 -17.34
C VAL A 566 5.06 6.57 -16.41
N PRO A 567 6.28 6.42 -16.95
CA PRO A 567 7.41 6.08 -16.09
C PRO A 567 7.70 7.24 -15.13
N GLU A 568 8.30 6.93 -13.98
CA GLU A 568 8.67 7.94 -12.99
C GLU A 568 9.74 8.86 -13.60
N GLY A 569 9.64 10.16 -13.34
CA GLY A 569 10.60 11.10 -13.90
C GLY A 569 11.94 11.28 -13.23
N SER A 570 11.98 11.19 -11.91
CA SER A 570 13.24 11.37 -11.18
C SER A 570 14.28 10.28 -11.47
N TYR A 571 13.84 9.14 -12.02
CA TYR A 571 14.78 8.07 -12.34
C TYR A 571 15.36 8.22 -13.77
N ALA A 572 14.95 9.27 -14.46
CA ALA A 572 15.45 9.54 -15.80
C ALA A 572 16.47 10.67 -15.67
N THR A 573 17.42 10.73 -16.61
CA THR A 573 18.43 11.80 -16.57
C THR A 573 17.80 13.14 -16.92
N ASP A 574 16.71 13.09 -17.70
CA ASP A 574 15.99 14.29 -18.10
C ASP A 574 14.49 14.01 -17.93
N PRO A 575 13.87 14.57 -16.88
CA PRO A 575 12.45 14.38 -16.58
C PRO A 575 11.47 15.23 -17.39
N GLU A 576 11.99 16.05 -18.30
CA GLU A 576 11.10 16.88 -19.10
C GLU A 576 10.67 16.24 -20.42
N GLY A 577 9.41 15.84 -20.51
CA GLY A 577 8.94 15.26 -21.76
C GLY A 577 9.14 13.76 -21.97
N THR A 578 9.27 13.38 -23.23
CA THR A 578 9.39 11.98 -23.62
C THR A 578 10.69 11.23 -23.34
N ALA A 579 11.76 11.96 -23.03
CA ALA A 579 13.06 11.33 -22.79
C ALA A 579 13.04 10.10 -21.88
N ARG A 580 12.32 10.18 -20.77
CA ARG A 580 12.26 9.08 -19.81
C ARG A 580 11.74 7.77 -20.41
N ILE A 581 10.95 7.86 -21.47
CA ILE A 581 10.40 6.68 -22.10
C ILE A 581 11.46 5.78 -22.73
N LYS A 582 12.38 6.38 -23.49
CA LYS A 582 13.44 5.60 -24.12
C LYS A 582 14.45 5.08 -23.09
N GLU A 583 14.73 5.89 -22.06
CA GLU A 583 15.67 5.47 -21.01
C GLU A 583 15.11 4.27 -20.24
N PHE A 584 13.81 4.30 -19.96
CA PHE A 584 13.16 3.21 -19.24
C PHE A 584 13.27 1.94 -20.08
N ARG A 585 12.99 2.07 -21.38
CA ARG A 585 13.07 0.93 -22.29
C ARG A 585 14.50 0.40 -22.40
N THR A 586 15.47 1.30 -22.41
CA THR A 586 16.87 0.91 -22.51
C THR A 586 17.23 0.04 -21.31
N MET A 587 16.70 0.41 -20.14
CA MET A 587 16.94 -0.36 -18.93
C MET A 587 16.31 -1.74 -19.04
N ILE A 588 15.06 -1.79 -19.49
CA ILE A 588 14.36 -3.06 -19.63
C ILE A 588 15.15 -3.97 -20.57
N GLN A 589 15.60 -3.40 -21.68
CA GLN A 589 16.37 -4.14 -22.66
C GLN A 589 17.67 -4.68 -22.06
N ALA A 590 18.34 -3.85 -21.26
CA ALA A 590 19.59 -4.25 -20.65
C ALA A 590 19.37 -5.43 -19.69
N ILE A 591 18.31 -5.38 -18.89
CA ILE A 591 18.05 -6.44 -17.95
C ILE A 591 17.79 -7.78 -18.65
N LYS A 592 16.92 -7.76 -19.65
CA LYS A 592 16.57 -8.98 -20.37
C LYS A 592 17.64 -9.50 -21.31
N GLN A 593 18.20 -8.61 -22.10
CA GLN A 593 19.22 -8.98 -23.08
C GLN A 593 20.64 -9.15 -22.56
N ASP A 594 21.09 -8.21 -21.73
CA ASP A 594 22.46 -8.28 -21.23
C ASP A 594 22.64 -8.91 -19.85
N LEU A 595 21.58 -8.92 -19.04
CA LEU A 595 21.67 -9.51 -17.72
C LEU A 595 20.93 -10.84 -17.69
N GLY A 596 20.17 -11.11 -18.75
CA GLY A 596 19.45 -12.37 -18.88
C GLY A 596 18.32 -12.65 -17.91
N MET A 597 17.67 -11.61 -17.41
CA MET A 597 16.57 -11.81 -16.47
C MET A 597 15.24 -11.20 -16.95
N ASN A 598 14.13 -11.81 -16.54
CA ASN A 598 12.82 -11.29 -16.90
C ASN A 598 12.56 -10.11 -15.97
N VAL A 599 11.53 -9.32 -16.26
CA VAL A 599 11.22 -8.16 -15.43
C VAL A 599 9.78 -8.13 -14.92
N ILE A 600 9.63 -7.91 -13.62
CA ILE A 600 8.32 -7.81 -12.98
C ILE A 600 8.16 -6.39 -12.46
N MET A 601 6.97 -5.82 -12.64
CA MET A 601 6.71 -4.47 -12.17
C MET A 601 5.74 -4.46 -10.99
N ASP A 602 6.06 -3.66 -9.98
CA ASP A 602 5.19 -3.49 -8.81
C ASP A 602 4.14 -2.47 -9.27
N VAL A 603 2.86 -2.79 -9.12
CA VAL A 603 1.81 -1.84 -9.50
C VAL A 603 0.94 -1.58 -8.27
N VAL A 604 0.42 -0.36 -8.18
CA VAL A 604 -0.35 0.08 -7.01
C VAL A 604 -1.71 0.70 -7.37
N TYR A 605 -2.59 -0.12 -7.93
CA TYR A 605 -3.91 0.35 -8.34
C TYR A 605 -4.92 0.40 -7.19
N ASN A 606 -4.52 -0.05 -6.01
CA ASN A 606 -5.41 -0.08 -4.85
C ASN A 606 -5.68 1.29 -4.20
N HIS A 607 -4.87 2.29 -4.54
CA HIS A 607 -5.08 3.62 -3.98
C HIS A 607 -4.38 4.69 -4.80
N THR A 608 -4.80 5.94 -4.58
CA THR A 608 -4.19 7.07 -5.27
C THR A 608 -3.43 7.88 -4.22
N ASN A 609 -2.51 8.73 -4.66
CA ASN A 609 -1.75 9.54 -3.71
C ASN A 609 -2.64 10.50 -2.92
N ALA A 610 -3.69 11.00 -3.57
CA ALA A 610 -4.61 11.93 -2.93
C ALA A 610 -5.92 12.03 -3.68
N ALA A 611 -6.90 12.66 -3.05
CA ALA A 611 -8.22 12.86 -3.64
C ALA A 611 -8.69 14.26 -3.27
N GLY A 612 -9.93 14.60 -3.61
CA GLY A 612 -10.45 15.91 -3.29
C GLY A 612 -10.20 16.93 -4.37
N PRO A 613 -10.79 18.13 -4.26
CA PRO A 613 -10.65 19.20 -5.25
C PRO A 613 -9.46 20.15 -5.10
N THR A 614 -8.62 19.94 -4.09
CA THR A 614 -7.51 20.87 -3.89
C THR A 614 -6.07 20.35 -3.99
N ASP A 615 -5.84 19.10 -3.62
CA ASP A 615 -4.48 18.57 -3.66
C ASP A 615 -3.87 18.52 -5.06
N ARG A 616 -2.60 18.93 -5.14
CA ARG A 616 -1.86 18.94 -6.39
C ARG A 616 -1.83 17.58 -7.10
N THR A 617 -1.78 16.51 -6.33
CA THR A 617 -1.70 15.17 -6.89
C THR A 617 -3.04 14.45 -7.10
N SER A 618 -4.14 15.11 -6.76
CA SER A 618 -5.45 14.50 -6.96
C SER A 618 -5.79 14.69 -8.44
N VAL A 619 -5.84 13.58 -9.18
CA VAL A 619 -6.15 13.63 -10.60
C VAL A 619 -7.53 13.05 -10.87
N LEU A 620 -7.65 11.76 -10.63
CA LEU A 620 -8.92 11.07 -10.83
C LEU A 620 -10.10 11.67 -10.08
N ASP A 621 -9.92 12.00 -8.80
CA ASP A 621 -11.03 12.54 -8.03
C ASP A 621 -11.41 13.99 -8.35
N LYS A 622 -10.63 14.63 -9.22
CA LYS A 622 -10.97 15.99 -9.62
C LYS A 622 -11.83 15.92 -10.89
N ILE A 623 -11.53 14.96 -11.75
CA ILE A 623 -12.23 14.80 -13.02
C ILE A 623 -13.63 14.18 -12.87
N VAL A 624 -13.73 13.13 -12.07
CA VAL A 624 -15.03 12.49 -11.81
C VAL A 624 -15.09 12.31 -10.29
N PRO A 625 -15.46 13.36 -9.56
CA PRO A 625 -15.55 13.32 -8.10
C PRO A 625 -16.36 12.16 -7.52
N TRP A 626 -15.82 11.56 -6.46
CA TRP A 626 -16.46 10.46 -5.74
C TRP A 626 -16.69 9.16 -6.51
N TYR A 627 -16.08 9.03 -7.68
CA TYR A 627 -16.26 7.81 -8.47
C TYR A 627 -15.09 6.83 -8.38
N TYR A 628 -13.87 7.33 -8.53
CA TYR A 628 -12.68 6.48 -8.51
C TYR A 628 -12.18 6.05 -7.13
N GLN A 629 -12.71 6.65 -6.07
CA GLN A 629 -12.29 6.32 -4.71
C GLN A 629 -13.39 5.53 -3.98
N ARG A 630 -12.99 4.71 -3.01
CA ARG A 630 -13.98 3.96 -2.23
C ARG A 630 -14.32 4.88 -1.06
N LEU A 631 -15.62 5.08 -0.82
CA LEU A 631 -16.06 5.97 0.25
C LEU A 631 -16.79 5.28 1.39
N ASN A 632 -16.78 5.91 2.55
CA ASN A 632 -17.49 5.40 3.72
C ASN A 632 -18.98 5.54 3.39
N GLU A 633 -19.76 4.50 3.67
CA GLU A 633 -21.20 4.50 3.37
C GLU A 633 -22.03 5.60 4.02
N THR A 634 -21.57 6.11 5.15
CA THR A 634 -22.32 7.14 5.88
C THR A 634 -21.85 8.57 5.68
N THR A 635 -20.54 8.78 5.70
CA THR A 635 -19.96 10.12 5.59
C THR A 635 -19.52 10.56 4.20
N GLY A 636 -19.26 9.61 3.31
CA GLY A 636 -18.80 9.96 1.98
C GLY A 636 -17.31 10.23 1.95
N SER A 637 -16.66 10.10 3.11
CA SER A 637 -15.22 10.32 3.20
C SER A 637 -14.43 9.24 2.47
N VAL A 638 -13.34 9.63 1.81
CA VAL A 638 -12.50 8.67 1.09
C VAL A 638 -11.81 7.78 2.12
N GLU A 639 -11.97 6.47 1.97
CA GLU A 639 -11.36 5.55 2.92
C GLU A 639 -9.85 5.49 2.80
N SER A 640 -9.18 5.15 3.90
CA SER A 640 -7.73 5.09 3.93
C SER A 640 -7.15 3.79 4.48
N ALA A 641 -7.87 2.69 4.28
CA ALA A 641 -7.42 1.39 4.76
C ALA A 641 -6.09 0.94 4.14
N THR A 642 -5.82 1.40 2.92
CA THR A 642 -4.57 1.01 2.24
C THR A 642 -3.41 1.82 2.79
N CYS A 643 -3.73 2.97 3.39
CA CYS A 643 -2.77 3.91 3.97
C CYS A 643 -3.15 5.30 3.57
N CYS A 644 -3.62 5.36 2.34
CA CYS A 644 -3.86 6.62 1.71
C CYS A 644 -5.27 6.90 1.16
N SER A 645 -5.39 7.11 -0.15
CA SER A 645 -6.72 7.37 -0.75
C SER A 645 -7.20 6.12 -1.49
N ASP A 646 -7.91 5.25 -0.77
CA ASP A 646 -8.41 4.00 -1.34
C ASP A 646 -9.17 4.18 -2.65
N SER A 647 -8.85 3.34 -3.63
CA SER A 647 -9.51 3.39 -4.94
C SER A 647 -10.68 2.42 -4.96
N ALA A 648 -11.46 2.45 -6.02
CA ALA A 648 -12.61 1.57 -6.16
C ALA A 648 -12.53 0.70 -7.42
N PRO A 649 -11.71 -0.35 -7.41
CA PRO A 649 -11.55 -1.26 -8.56
C PRO A 649 -12.86 -1.96 -8.89
N GLU A 650 -13.83 -1.91 -7.98
CA GLU A 650 -15.12 -2.54 -8.22
C GLU A 650 -15.99 -1.71 -9.15
N HIS A 651 -15.59 -0.46 -9.40
CA HIS A 651 -16.32 0.42 -10.30
C HIS A 651 -15.80 0.18 -11.72
N ARG A 652 -16.73 -0.05 -12.64
CA ARG A 652 -16.43 -0.37 -14.04
C ARG A 652 -15.37 0.44 -14.79
N MET A 653 -15.44 1.76 -14.71
CA MET A 653 -14.46 2.56 -15.43
C MET A 653 -13.08 2.55 -14.77
N PHE A 654 -12.99 2.24 -13.47
CA PHE A 654 -11.66 2.19 -12.88
C PHE A 654 -11.06 0.83 -13.25
N ALA A 655 -11.89 -0.21 -13.31
CA ALA A 655 -11.41 -1.53 -13.68
C ALA A 655 -10.86 -1.41 -15.11
N LYS A 656 -11.53 -0.63 -15.93
CA LYS A 656 -11.08 -0.43 -17.31
C LYS A 656 -9.74 0.31 -17.33
N LEU A 657 -9.63 1.37 -16.53
CA LEU A 657 -8.38 2.13 -16.48
C LEU A 657 -7.22 1.19 -16.13
N ILE A 658 -7.44 0.33 -15.14
CA ILE A 658 -6.42 -0.62 -14.70
C ILE A 658 -6.03 -1.56 -15.84
N ALA A 659 -7.01 -2.17 -16.50
CA ALA A 659 -6.72 -3.09 -17.59
C ALA A 659 -6.01 -2.39 -18.74
N ASP A 660 -6.47 -1.18 -19.09
CA ASP A 660 -5.86 -0.41 -20.17
C ASP A 660 -4.42 -0.05 -19.84
N SER A 661 -4.16 0.27 -18.58
CA SER A 661 -2.83 0.62 -18.11
C SER A 661 -1.88 -0.58 -18.22
N LEU A 662 -2.33 -1.73 -17.72
CA LEU A 662 -1.54 -2.96 -17.78
C LEU A 662 -1.21 -3.31 -19.23
N ALA A 663 -2.15 -3.03 -20.13
CA ALA A 663 -1.94 -3.30 -21.56
C ALA A 663 -0.74 -2.52 -22.10
N VAL A 664 -0.62 -1.27 -21.69
CA VAL A 664 0.51 -0.43 -22.13
C VAL A 664 1.83 -0.96 -21.55
N TRP A 665 1.86 -1.24 -20.25
CA TRP A 665 3.10 -1.75 -19.67
C TRP A 665 3.52 -3.07 -20.32
N THR A 666 2.54 -3.91 -20.64
CA THR A 666 2.81 -5.21 -21.26
C THR A 666 3.30 -5.08 -22.70
N THR A 667 2.51 -4.41 -23.52
CA THR A 667 2.84 -4.26 -24.94
C THR A 667 3.94 -3.24 -25.24
N ASP A 668 3.81 -2.04 -24.71
CA ASP A 668 4.77 -0.99 -24.98
C ASP A 668 6.06 -1.01 -24.17
N TYR A 669 6.04 -1.60 -22.98
CA TYR A 669 7.24 -1.67 -22.17
C TYR A 669 7.78 -3.09 -21.97
N LYS A 670 7.09 -4.06 -22.56
CA LYS A 670 7.49 -5.48 -22.50
C LYS A 670 7.76 -6.03 -21.10
N ILE A 671 6.89 -5.70 -20.15
CA ILE A 671 7.02 -6.20 -18.79
C ILE A 671 6.54 -7.64 -18.81
N ASP A 672 7.23 -8.53 -18.09
CA ASP A 672 6.90 -9.95 -18.08
C ASP A 672 5.90 -10.42 -17.01
N GLY A 673 5.76 -9.64 -15.94
CA GLY A 673 4.84 -10.00 -14.88
C GLY A 673 4.53 -8.82 -14.00
N PHE A 674 3.45 -8.91 -13.23
CA PHE A 674 3.05 -7.82 -12.35
C PHE A 674 2.77 -8.27 -10.93
N ARG A 675 3.27 -7.49 -9.98
CA ARG A 675 3.06 -7.76 -8.56
C ARG A 675 2.03 -6.74 -8.11
N PHE A 676 0.82 -7.20 -7.81
CA PHE A 676 -0.24 -6.30 -7.39
C PHE A 676 -0.16 -5.94 -5.91
N ASP A 677 0.19 -4.70 -5.63
CA ASP A 677 0.27 -4.25 -4.25
C ASP A 677 -1.14 -4.28 -3.68
N LEU A 678 -1.28 -4.81 -2.46
CA LEU A 678 -2.57 -4.92 -1.79
C LEU A 678 -3.68 -5.39 -2.73
N MET A 679 -3.38 -6.48 -3.42
CA MET A 679 -4.31 -7.08 -4.36
C MET A 679 -5.62 -7.45 -3.67
N LEU A 680 -5.54 -7.68 -2.36
CA LEU A 680 -6.72 -8.05 -1.58
C LEU A 680 -7.81 -6.97 -1.57
N TYR A 681 -7.46 -5.73 -1.88
CA TYR A 681 -8.47 -4.68 -1.93
C TYR A 681 -9.18 -4.64 -3.28
N HIS A 682 -8.81 -5.58 -4.14
CA HIS A 682 -9.41 -5.69 -5.47
C HIS A 682 -10.36 -6.89 -5.49
N PRO A 683 -11.45 -6.79 -6.28
CA PRO A 683 -12.38 -7.91 -6.36
C PRO A 683 -11.69 -9.04 -7.14
N LYS A 684 -11.92 -10.29 -6.74
CA LYS A 684 -11.34 -11.44 -7.41
C LYS A 684 -11.69 -11.40 -8.89
N ALA A 685 -12.95 -11.08 -9.18
CA ALA A 685 -13.42 -11.02 -10.56
C ALA A 685 -12.71 -9.95 -11.40
N GLN A 686 -12.32 -8.85 -10.77
CA GLN A 686 -11.65 -7.79 -11.49
C GLN A 686 -10.23 -8.20 -11.87
N ILE A 687 -9.52 -8.84 -10.95
CA ILE A 687 -8.15 -9.29 -11.23
C ILE A 687 -8.17 -10.33 -12.36
N LEU A 688 -9.12 -11.26 -12.29
CA LEU A 688 -9.22 -12.30 -13.31
C LEU A 688 -9.59 -11.74 -14.68
N SER A 689 -10.48 -10.75 -14.71
CA SER A 689 -10.89 -10.13 -15.97
C SER A 689 -9.68 -9.44 -16.58
N ALA A 690 -8.90 -8.74 -15.74
CA ALA A 690 -7.70 -8.05 -16.22
C ALA A 690 -6.71 -9.07 -16.77
N TRP A 691 -6.59 -10.22 -16.12
CA TRP A 691 -5.66 -11.26 -16.58
C TRP A 691 -6.12 -11.79 -17.94
N GLU A 692 -7.43 -11.97 -18.10
CA GLU A 692 -7.97 -12.47 -19.37
C GLU A 692 -7.65 -11.49 -20.50
N ARG A 693 -7.74 -10.20 -20.21
CA ARG A 693 -7.44 -9.17 -21.20
C ARG A 693 -5.97 -9.09 -21.55
N ILE A 694 -5.10 -9.19 -20.54
CA ILE A 694 -3.67 -9.12 -20.78
C ILE A 694 -3.11 -10.38 -21.44
N LYS A 695 -3.72 -11.54 -21.17
CA LYS A 695 -3.24 -12.78 -21.78
C LYS A 695 -3.45 -12.75 -23.29
N ALA A 696 -4.35 -11.89 -23.75
CA ALA A 696 -4.60 -11.76 -25.17
C ALA A 696 -3.43 -11.04 -25.84
N LEU A 697 -2.71 -10.25 -25.05
CA LEU A 697 -1.56 -9.48 -25.53
C LEU A 697 -0.26 -10.28 -25.36
N ASN A 698 -0.12 -10.92 -24.19
CA ASN A 698 1.03 -11.75 -23.87
C ASN A 698 0.44 -12.95 -23.13
N PRO A 699 0.29 -14.08 -23.83
CA PRO A 699 -0.28 -15.31 -23.26
C PRO A 699 0.42 -15.88 -22.04
N ASP A 700 1.68 -15.51 -21.84
CA ASP A 700 2.46 -16.03 -20.72
C ASP A 700 2.68 -15.05 -19.57
N ILE A 701 1.95 -13.93 -19.58
CA ILE A 701 2.08 -12.94 -18.51
C ILE A 701 1.72 -13.59 -17.17
N TYR A 702 2.43 -13.21 -16.10
CA TYR A 702 2.16 -13.76 -14.77
C TYR A 702 1.68 -12.68 -13.82
N PHE A 703 0.61 -12.98 -13.08
CA PHE A 703 0.02 -12.06 -12.11
C PHE A 703 0.15 -12.64 -10.70
N PHE A 704 0.54 -11.81 -9.74
CA PHE A 704 0.60 -12.24 -8.34
C PHE A 704 0.56 -10.99 -7.45
N GLY A 705 0.29 -11.18 -6.17
CA GLY A 705 0.24 -10.03 -5.28
C GLY A 705 -0.03 -10.39 -3.83
N GLU A 706 -0.27 -9.37 -3.01
CA GLU A 706 -0.56 -9.57 -1.60
C GLU A 706 -2.03 -9.93 -1.46
N GLY A 707 -2.30 -11.16 -1.07
CA GLY A 707 -3.67 -11.61 -0.90
C GLY A 707 -4.08 -11.76 0.55
N TRP A 708 -3.84 -10.72 1.36
CA TRP A 708 -4.22 -10.78 2.77
C TRP A 708 -5.72 -10.52 2.88
N ASP A 709 -6.20 -10.17 4.07
CA ASP A 709 -7.63 -9.87 4.25
C ASP A 709 -7.81 -8.36 4.29
N SER A 710 -8.52 -7.82 3.29
CA SER A 710 -8.76 -6.39 3.18
C SER A 710 -10.01 -5.92 3.91
N ASN A 711 -10.79 -6.87 4.42
CA ASN A 711 -12.04 -6.58 5.13
C ASN A 711 -13.07 -5.98 4.17
N GLN A 712 -12.91 -6.25 2.88
CA GLN A 712 -13.85 -5.73 1.89
C GLN A 712 -14.84 -6.80 1.42
N SER A 713 -14.85 -7.94 2.11
CA SER A 713 -15.75 -9.05 1.73
C SER A 713 -17.24 -8.72 1.77
N ASP A 714 -17.62 -7.69 2.51
CA ASP A 714 -19.01 -7.30 2.59
C ASP A 714 -19.46 -6.60 1.30
N ARG A 715 -18.50 -6.10 0.54
CA ARG A 715 -18.79 -5.42 -0.71
C ARG A 715 -18.63 -6.30 -1.94
N PHE A 716 -17.67 -7.22 -1.88
CA PHE A 716 -17.40 -8.12 -3.00
C PHE A 716 -16.43 -9.24 -2.59
N GLU A 717 -16.33 -10.29 -3.41
CA GLU A 717 -15.42 -11.39 -3.11
C GLU A 717 -14.02 -10.87 -3.43
N ILE A 718 -13.15 -10.85 -2.42
CA ILE A 718 -11.80 -10.32 -2.57
C ILE A 718 -10.77 -11.26 -3.19
N ALA A 719 -9.72 -10.67 -3.73
CA ALA A 719 -8.63 -11.42 -4.36
C ALA A 719 -7.62 -11.78 -3.26
N SER A 720 -7.96 -12.78 -2.46
CA SER A 720 -7.12 -13.24 -1.36
C SER A 720 -6.51 -14.61 -1.63
N GLN A 721 -5.58 -15.01 -0.77
CA GLN A 721 -4.93 -16.31 -0.88
C GLN A 721 -5.99 -17.40 -1.02
N ILE A 722 -6.98 -17.38 -0.14
CA ILE A 722 -8.05 -18.38 -0.15
C ILE A 722 -8.90 -18.40 -1.40
N ASN A 723 -9.47 -17.25 -1.76
CA ASN A 723 -10.35 -17.16 -2.91
C ASN A 723 -9.68 -17.37 -4.27
N LEU A 724 -8.37 -17.18 -4.33
CA LEU A 724 -7.64 -17.34 -5.58
C LEU A 724 -7.14 -18.77 -5.83
N LYS A 725 -7.47 -19.69 -4.94
CA LYS A 725 -7.03 -21.08 -5.11
C LYS A 725 -7.47 -21.62 -6.48
N GLY A 726 -6.51 -22.23 -7.19
CA GLY A 726 -6.79 -22.81 -8.50
C GLY A 726 -6.97 -21.87 -9.66
N THR A 727 -6.86 -20.56 -9.43
CA THR A 727 -7.04 -19.58 -10.50
C THR A 727 -5.78 -19.32 -11.33
N GLY A 728 -4.61 -19.63 -10.75
CA GLY A 728 -3.38 -19.37 -11.48
C GLY A 728 -2.77 -18.03 -11.10
N ILE A 729 -3.44 -17.28 -10.23
CA ILE A 729 -2.95 -15.98 -9.77
C ILE A 729 -2.18 -16.25 -8.48
N GLY A 730 -0.91 -15.87 -8.44
CA GLY A 730 -0.13 -16.13 -7.24
C GLY A 730 -0.32 -15.15 -6.10
N THR A 731 0.02 -15.60 -4.90
CA THR A 731 -0.04 -14.76 -3.71
C THR A 731 1.15 -15.05 -2.82
N PHE A 732 1.64 -14.02 -2.16
CA PHE A 732 2.75 -14.18 -1.22
C PHE A 732 2.24 -15.07 -0.09
N SER A 733 3.07 -16.00 0.36
CA SER A 733 2.67 -16.84 1.49
C SER A 733 3.39 -16.37 2.74
N ASP A 734 2.62 -16.10 3.79
CA ASP A 734 3.20 -15.65 5.05
C ASP A 734 3.49 -16.82 5.99
N ARG A 735 3.18 -18.03 5.55
CA ARG A 735 3.38 -19.24 6.35
C ARG A 735 4.84 -19.61 6.58
N LEU A 736 5.55 -20.02 5.53
CA LEU A 736 6.96 -20.38 5.68
C LEU A 736 7.74 -19.15 6.12
N ARG A 737 7.37 -18.00 5.58
CA ARG A 737 7.98 -16.73 5.91
C ARG A 737 8.13 -16.55 7.42
N ASP A 738 6.99 -16.62 8.13
CA ASP A 738 7.01 -16.45 9.58
C ASP A 738 7.61 -17.63 10.33
N ALA A 739 7.44 -18.85 9.81
CA ALA A 739 8.00 -20.02 10.47
C ALA A 739 9.52 -19.99 10.51
N VAL A 740 10.13 -19.50 9.42
CA VAL A 740 11.59 -19.43 9.31
C VAL A 740 12.19 -18.17 9.94
N ARG A 741 11.56 -17.03 9.71
CA ARG A 741 12.03 -15.77 10.28
C ARG A 741 11.77 -15.75 11.78
N GLY A 742 10.63 -16.30 12.16
CA GLY A 742 10.23 -16.31 13.56
C GLY A 742 9.24 -15.20 13.82
N GLY A 743 8.34 -15.40 14.77
CA GLY A 743 7.36 -14.39 15.11
C GLY A 743 6.41 -13.96 14.01
N GLY A 744 6.07 -12.67 14.01
CA GLY A 744 5.16 -12.12 13.01
C GLY A 744 5.38 -10.64 12.79
N PRO A 745 4.69 -10.04 11.80
CA PRO A 745 4.84 -8.61 11.50
C PRO A 745 4.30 -7.64 12.55
N PHE A 746 3.65 -8.14 13.59
CA PHE A 746 3.10 -7.26 14.62
C PHE A 746 3.92 -7.26 15.91
N ASP A 747 5.05 -7.95 15.91
CA ASP A 747 5.91 -8.01 17.09
C ASP A 747 6.66 -6.71 17.36
N SER A 748 6.81 -6.39 18.64
CA SER A 748 7.54 -5.19 19.05
C SER A 748 8.19 -5.47 20.40
N GLY A 749 9.18 -4.66 20.76
CA GLY A 749 9.84 -4.87 22.03
C GLY A 749 10.53 -6.22 22.14
N ASP A 750 10.52 -6.80 23.34
CA ASP A 750 11.17 -8.08 23.56
C ASP A 750 10.64 -9.23 22.71
N ALA A 751 9.41 -9.12 22.22
CA ALA A 751 8.84 -10.16 21.38
C ALA A 751 9.70 -10.37 20.14
N LEU A 752 10.35 -9.31 19.68
CA LEU A 752 11.21 -9.41 18.50
C LEU A 752 12.36 -10.39 18.74
N ARG A 753 12.81 -10.51 19.99
CA ARG A 753 13.90 -11.44 20.30
C ARG A 753 13.36 -12.79 20.74
N GLN A 754 12.29 -12.80 21.53
CA GLN A 754 11.71 -14.05 22.02
C GLN A 754 11.24 -14.99 20.92
N ASN A 755 10.63 -14.43 19.87
CA ASN A 755 10.08 -15.25 18.80
C ASN A 755 11.07 -15.71 17.75
N GLN A 756 11.91 -16.67 18.13
CA GLN A 756 12.91 -17.23 17.23
C GLN A 756 12.23 -18.08 16.15
N GLY A 757 12.90 -18.21 15.00
CA GLY A 757 12.33 -19.02 13.93
C GLY A 757 13.21 -20.22 13.65
N VAL A 758 12.79 -21.06 12.70
CA VAL A 758 13.59 -22.23 12.37
C VAL A 758 14.97 -21.79 11.90
N GLY A 759 15.02 -20.66 11.21
CA GLY A 759 16.29 -20.16 10.71
C GLY A 759 17.21 -19.59 11.78
N SER A 760 16.66 -19.25 12.93
CA SER A 760 17.47 -18.68 14.01
C SER A 760 17.56 -19.56 15.26
N GLY A 761 17.26 -20.84 15.11
CA GLY A 761 17.38 -21.77 16.22
C GLY A 761 16.26 -22.00 17.21
N ALA A 762 15.02 -21.80 16.79
CA ALA A 762 13.89 -22.01 17.69
C ALA A 762 14.00 -23.40 18.30
N GLY A 763 13.93 -23.47 19.62
CA GLY A 763 14.04 -24.76 20.30
C GLY A 763 15.46 -25.28 20.51
N VAL A 764 16.20 -25.42 19.41
CA VAL A 764 17.56 -25.97 19.46
C VAL A 764 18.69 -25.06 19.94
N LEU A 765 18.55 -23.76 19.79
CA LEU A 765 19.57 -22.81 20.24
C LEU A 765 18.86 -21.57 20.78
N PRO A 766 18.13 -21.72 21.89
CA PRO A 766 17.37 -20.65 22.53
C PRO A 766 18.20 -19.50 23.06
N ASN A 767 17.66 -18.28 22.94
CA ASN A 767 18.37 -17.12 23.47
C ASN A 767 17.92 -16.97 24.93
N GLU A 768 18.34 -15.90 25.59
CA GLU A 768 18.00 -15.71 27.00
C GLU A 768 16.59 -15.23 27.35
N LEU A 769 15.80 -14.87 26.34
CA LEU A 769 14.45 -14.38 26.60
C LEU A 769 13.33 -15.30 26.16
N THR A 770 13.60 -16.13 25.16
CA THR A 770 12.58 -17.02 24.62
C THR A 770 12.03 -18.05 25.58
N THR A 771 10.78 -18.43 25.36
CA THR A 771 10.14 -19.47 26.16
C THR A 771 9.48 -20.45 25.21
N LEU A 772 9.92 -20.45 23.95
CA LEU A 772 9.36 -21.36 22.96
C LEU A 772 9.60 -22.81 23.35
N SER A 773 8.55 -23.62 23.26
CA SER A 773 8.66 -25.03 23.61
C SER A 773 9.08 -25.85 22.39
N ASP A 774 9.44 -27.10 22.62
CA ASP A 774 9.84 -27.98 21.54
C ASP A 774 8.65 -28.14 20.59
N ASP A 775 7.48 -28.26 21.18
CA ASP A 775 6.24 -28.41 20.42
C ASP A 775 6.02 -27.22 19.50
N GLN A 776 6.23 -26.01 20.02
CA GLN A 776 6.06 -24.81 19.23
C GLN A 776 7.08 -24.76 18.09
N ALA A 777 8.30 -25.18 18.38
CA ALA A 777 9.36 -25.19 17.38
C ALA A 777 9.05 -26.20 16.29
N ARG A 778 8.51 -27.36 16.67
CA ARG A 778 8.17 -28.38 15.70
C ARG A 778 6.98 -27.96 14.84
N HIS A 779 6.10 -27.13 15.39
CA HIS A 779 4.96 -26.64 14.61
C HIS A 779 5.49 -25.76 13.50
N LEU A 780 6.50 -24.95 13.81
CA LEU A 780 7.06 -24.08 12.78
C LEU A 780 7.72 -24.93 11.69
N ALA A 781 8.30 -26.07 12.08
CA ALA A 781 8.94 -26.95 11.11
C ALA A 781 7.87 -27.53 10.18
N ASP A 782 6.70 -27.83 10.74
CA ASP A 782 5.60 -28.35 9.94
C ASP A 782 5.21 -27.33 8.88
N LEU A 783 5.13 -26.06 9.28
CA LEU A 783 4.76 -25.00 8.36
C LEU A 783 5.84 -24.80 7.29
N THR A 784 7.09 -25.02 7.67
CA THR A 784 8.22 -24.87 6.76
C THR A 784 8.22 -25.98 5.70
N ARG A 785 8.07 -27.22 6.15
CA ARG A 785 8.04 -28.35 5.24
C ARG A 785 6.88 -28.18 4.27
N LEU A 786 5.72 -27.80 4.80
CA LEU A 786 4.54 -27.60 3.97
C LEU A 786 4.85 -26.56 2.90
N GLY A 787 5.56 -25.51 3.29
CA GLY A 787 5.93 -24.46 2.36
C GLY A 787 6.91 -24.92 1.29
N MET A 788 7.86 -25.77 1.68
CA MET A 788 8.84 -26.27 0.75
C MET A 788 8.17 -27.17 -0.27
N ALA A 789 6.97 -27.67 0.06
CA ALA A 789 6.22 -28.51 -0.86
C ALA A 789 5.17 -27.68 -1.60
N GLY A 790 5.30 -26.35 -1.51
CA GLY A 790 4.38 -25.46 -2.22
C GLY A 790 3.15 -24.95 -1.50
N ASN A 791 3.08 -25.18 -0.19
CA ASN A 791 1.93 -24.75 0.64
C ASN A 791 0.59 -25.13 0.01
N LEU A 792 0.48 -26.39 -0.41
CA LEU A 792 -0.74 -26.89 -1.03
C LEU A 792 -1.77 -27.29 0.01
N ALA A 793 -3.04 -27.00 -0.27
CA ALA A 793 -4.10 -27.34 0.65
C ALA A 793 -4.21 -28.86 0.84
N ASP A 794 -4.00 -29.62 -0.24
CA ASP A 794 -4.14 -31.07 -0.19
C ASP A 794 -2.88 -31.92 -0.01
N PHE A 795 -1.71 -31.28 0.12
CA PHE A 795 -0.48 -32.05 0.32
C PHE A 795 -0.57 -32.76 1.66
N VAL A 796 -0.20 -34.05 1.67
CA VAL A 796 -0.27 -34.84 2.89
C VAL A 796 1.08 -35.05 3.58
N LEU A 797 1.14 -34.71 4.87
CA LEU A 797 2.38 -34.89 5.62
C LEU A 797 2.11 -35.41 7.03
N ILE A 798 3.17 -35.79 7.73
CA ILE A 798 3.08 -36.26 9.10
C ILE A 798 3.46 -35.05 9.93
N ASP A 799 2.58 -34.63 10.85
CA ASP A 799 2.88 -33.46 11.67
C ASP A 799 3.72 -33.76 12.91
N LYS A 800 3.96 -32.71 13.69
CA LYS A 800 4.78 -32.82 14.90
C LYS A 800 4.36 -33.93 15.85
N ASP A 801 3.07 -34.25 15.85
CA ASP A 801 2.56 -35.28 16.75
C ASP A 801 2.47 -36.67 16.11
N GLY A 802 2.90 -36.77 14.86
CA GLY A 802 2.85 -38.05 14.16
C GLY A 802 1.53 -38.28 13.46
N ALA A 803 0.65 -37.29 13.50
CA ALA A 803 -0.65 -37.41 12.85
C ALA A 803 -0.59 -37.11 11.36
N VAL A 804 -1.45 -37.78 10.60
CA VAL A 804 -1.53 -37.57 9.16
C VAL A 804 -2.39 -36.32 8.93
N LYS A 805 -1.84 -35.34 8.23
CA LYS A 805 -2.56 -34.09 7.99
C LYS A 805 -2.42 -33.55 6.58
N ARG A 806 -3.48 -32.93 6.09
CA ARG A 806 -3.46 -32.29 4.78
C ARG A 806 -2.94 -30.88 5.08
N GLY A 807 -2.36 -30.22 4.09
CA GLY A 807 -1.83 -28.89 4.30
C GLY A 807 -2.82 -27.93 4.93
N SER A 808 -4.08 -28.02 4.51
CA SER A 808 -5.14 -27.16 5.03
C SER A 808 -5.42 -27.41 6.51
N GLU A 809 -4.91 -28.52 7.03
CA GLU A 809 -5.14 -28.86 8.43
C GLU A 809 -4.03 -28.35 9.36
N ILE A 810 -2.92 -27.91 8.79
CA ILE A 810 -1.83 -27.38 9.59
C ILE A 810 -2.21 -25.92 9.88
N ASP A 811 -2.39 -25.61 11.15
CA ASP A 811 -2.79 -24.27 11.56
C ASP A 811 -1.76 -23.15 11.44
N TYR A 812 -2.22 -22.00 10.96
CA TYR A 812 -1.38 -20.81 10.84
C TYR A 812 -2.14 -19.69 11.54
N ASN A 813 -1.84 -19.47 12.82
CA ASN A 813 -2.49 -18.46 13.63
C ASN A 813 -4.02 -18.47 13.52
N GLY A 814 -4.62 -19.66 13.54
CA GLY A 814 -6.07 -19.73 13.46
C GLY A 814 -6.67 -19.99 12.09
N ALA A 815 -5.86 -19.92 11.04
CA ALA A 815 -6.34 -20.16 9.68
C ALA A 815 -5.68 -21.39 9.06
N PRO A 816 -6.36 -22.03 8.10
CA PRO A 816 -5.75 -23.22 7.47
C PRO A 816 -4.44 -22.84 6.79
N GLY A 817 -3.38 -23.57 7.12
CA GLY A 817 -2.06 -23.29 6.57
C GLY A 817 -1.91 -23.36 5.07
N GLY A 818 -2.09 -24.56 4.51
CA GLY A 818 -1.98 -24.73 3.08
C GLY A 818 -3.25 -24.26 2.39
N TYR A 819 -3.09 -23.41 1.37
CA TYR A 819 -4.25 -22.85 0.68
C TYR A 819 -4.26 -22.99 -0.83
N ALA A 820 -3.13 -23.37 -1.42
CA ALA A 820 -3.03 -23.43 -2.88
C ALA A 820 -3.34 -24.75 -3.58
N ALA A 821 -3.58 -24.66 -4.88
CA ALA A 821 -3.88 -25.81 -5.72
C ALA A 821 -2.58 -26.26 -6.41
N ASP A 822 -1.75 -25.28 -6.77
CA ASP A 822 -0.47 -25.56 -7.43
C ASP A 822 0.60 -24.71 -6.75
N PRO A 823 1.86 -25.19 -6.72
CA PRO A 823 2.93 -24.42 -6.09
C PRO A 823 3.17 -23.08 -6.79
N THR A 824 2.75 -22.98 -8.04
CA THR A 824 2.90 -21.73 -8.80
C THR A 824 1.95 -20.64 -8.35
N GLU A 825 1.08 -20.95 -7.39
CA GLU A 825 0.14 -19.98 -6.85
C GLU A 825 0.69 -19.47 -5.53
N VAL A 826 1.88 -19.95 -5.18
CA VAL A 826 2.52 -19.58 -3.92
C VAL A 826 3.89 -18.94 -4.11
N VAL A 827 4.10 -17.79 -3.47
CA VAL A 827 5.38 -17.12 -3.55
C VAL A 827 5.98 -17.15 -2.15
N ASN A 828 7.02 -17.96 -1.96
CA ASN A 828 7.69 -18.09 -0.67
C ASN A 828 8.80 -17.05 -0.55
N TYR A 829 9.04 -16.59 0.68
CA TYR A 829 10.08 -15.60 0.92
C TYR A 829 10.39 -15.48 2.41
N VAL A 830 11.59 -15.00 2.72
CA VAL A 830 11.98 -14.77 4.11
C VAL A 830 12.50 -13.35 4.30
N SER A 831 12.36 -12.53 3.25
CA SER A 831 12.76 -11.13 3.32
C SER A 831 12.10 -10.39 2.16
N LYS A 832 11.77 -9.12 2.38
CA LYS A 832 11.11 -8.29 1.38
C LYS A 832 11.32 -6.82 1.77
N HIS A 833 10.97 -5.88 0.89
CA HIS A 833 11.18 -4.47 1.21
C HIS A 833 10.46 -4.07 2.50
N ASP A 834 9.28 -4.64 2.73
CA ASP A 834 8.47 -4.41 3.92
C ASP A 834 9.04 -5.14 5.13
N ASN A 835 8.93 -4.53 6.30
CA ASN A 835 9.40 -5.12 7.55
C ASN A 835 10.92 -5.26 7.60
N GLN A 836 11.44 -5.72 8.74
CA GLN A 836 12.88 -5.89 8.93
C GLN A 836 13.52 -6.89 7.98
N THR A 837 14.77 -6.63 7.61
CA THR A 837 15.50 -7.53 6.73
C THR A 837 15.79 -8.82 7.48
N LEU A 838 16.08 -9.88 6.73
CA LEU A 838 16.38 -11.18 7.33
C LEU A 838 17.55 -11.06 8.30
N TRP A 839 18.60 -10.33 7.92
CA TRP A 839 19.76 -10.19 8.80
C TRP A 839 19.40 -9.49 10.10
N ASP A 840 18.58 -8.45 10.02
CA ASP A 840 18.18 -7.73 11.21
C ASP A 840 17.33 -8.62 12.11
N MET A 841 16.52 -9.49 11.52
CA MET A 841 15.70 -10.40 12.31
C MET A 841 16.61 -11.42 13.02
N ILE A 842 17.59 -11.95 12.30
CA ILE A 842 18.52 -12.90 12.90
C ILE A 842 19.30 -12.19 14.02
N SER A 843 19.59 -10.91 13.82
CA SER A 843 20.32 -10.16 14.84
C SER A 843 19.44 -9.96 16.08
N TYR A 844 18.13 -9.83 15.88
CA TYR A 844 17.20 -9.68 17.00
C TYR A 844 17.01 -10.98 17.76
N LYS A 845 17.05 -12.09 17.03
CA LYS A 845 16.77 -13.41 17.59
C LYS A 845 17.88 -14.39 17.95
N ALA A 846 19.04 -14.27 17.31
CA ALA A 846 20.13 -15.19 17.57
C ALA A 846 20.64 -15.21 19.00
N ALA A 847 20.92 -16.42 19.50
CA ALA A 847 21.44 -16.60 20.83
C ALA A 847 22.78 -15.87 20.91
N GLN A 848 23.12 -15.37 22.09
CA GLN A 848 24.37 -14.65 22.28
C GLN A 848 25.58 -15.47 21.86
N GLU A 849 25.53 -16.78 22.10
CA GLU A 849 26.64 -17.67 21.76
C GLU A 849 26.79 -18.01 20.29
N ALA A 850 25.81 -17.64 19.46
CA ALA A 850 25.89 -17.90 18.03
C ALA A 850 26.87 -16.88 17.47
N ASP A 851 28.06 -17.32 17.06
CA ASP A 851 29.05 -16.39 16.54
C ASP A 851 28.73 -15.87 15.15
N LEU A 852 29.56 -14.96 14.66
CA LEU A 852 29.34 -14.36 13.34
C LEU A 852 29.19 -15.39 12.22
N ASP A 853 30.11 -16.34 12.16
CA ASP A 853 30.06 -17.37 11.12
C ASP A 853 28.75 -18.15 11.17
N THR A 854 28.30 -18.46 12.37
CA THR A 854 27.05 -19.19 12.53
C THR A 854 25.87 -18.38 12.02
N ARG A 855 25.90 -17.07 12.25
CA ARG A 855 24.80 -16.21 11.82
C ARG A 855 24.72 -16.10 10.30
N VAL A 856 25.87 -16.17 9.64
CA VAL A 856 25.89 -16.11 8.18
C VAL A 856 25.23 -17.38 7.68
N ARG A 857 25.55 -18.50 8.32
CA ARG A 857 24.96 -19.77 7.93
C ARG A 857 23.46 -19.78 8.23
N MET A 858 23.03 -19.10 9.29
CA MET A 858 21.60 -19.03 9.60
C MET A 858 20.90 -18.28 8.47
N GLN A 859 21.56 -17.25 7.93
CA GLN A 859 20.97 -16.49 6.83
C GLN A 859 20.83 -17.43 5.62
N ALA A 860 21.85 -18.22 5.34
CA ALA A 860 21.82 -19.16 4.21
C ALA A 860 20.80 -20.28 4.43
N VAL A 861 20.75 -20.81 5.65
CA VAL A 861 19.81 -21.86 5.97
C VAL A 861 18.37 -21.36 5.81
N SER A 862 18.11 -20.14 6.24
CA SER A 862 16.78 -19.53 6.13
C SER A 862 16.41 -19.43 4.65
N LEU A 863 17.34 -18.93 3.84
CA LEU A 863 17.10 -18.78 2.42
C LEU A 863 16.98 -20.13 1.71
N ALA A 864 17.61 -21.17 2.25
CA ALA A 864 17.56 -22.49 1.63
C ALA A 864 16.12 -23.04 1.59
N THR A 865 15.32 -22.73 2.60
CA THR A 865 13.94 -23.21 2.64
C THR A 865 13.12 -22.64 1.50
N VAL A 866 13.50 -21.46 1.03
CA VAL A 866 12.82 -20.81 -0.08
C VAL A 866 13.37 -21.29 -1.42
N MET A 867 14.69 -21.16 -1.59
CA MET A 867 15.35 -21.53 -2.84
C MET A 867 15.24 -23.00 -3.24
N LEU A 868 15.18 -23.91 -2.25
CA LEU A 868 15.08 -25.32 -2.56
C LEU A 868 13.65 -25.85 -2.46
N GLY A 869 12.69 -24.94 -2.31
CA GLY A 869 11.29 -25.32 -2.21
C GLY A 869 10.57 -25.30 -3.56
N GLN A 870 9.38 -25.90 -3.61
CA GLN A 870 8.58 -25.97 -4.84
C GLN A 870 7.83 -24.67 -5.18
N GLY A 871 7.56 -23.85 -4.17
CA GLY A 871 6.88 -22.60 -4.46
C GLY A 871 7.80 -21.63 -5.19
N ILE A 872 7.23 -20.62 -5.82
CA ILE A 872 8.04 -19.62 -6.51
C ILE A 872 8.92 -18.97 -5.45
N ALA A 873 10.17 -18.71 -5.81
CA ALA A 873 11.13 -18.11 -4.88
C ALA A 873 11.24 -16.60 -5.04
N PHE A 874 11.10 -15.87 -3.93
CA PHE A 874 11.16 -14.41 -3.94
C PHE A 874 12.11 -13.97 -2.82
N ASP A 875 12.91 -12.95 -3.10
CA ASP A 875 13.85 -12.46 -2.10
C ASP A 875 14.16 -10.98 -2.30
N GLN A 876 14.57 -10.34 -1.21
CA GLN A 876 14.92 -8.94 -1.20
C GLN A 876 16.33 -8.71 -1.76
N GLN A 877 16.47 -7.64 -2.54
CA GLN A 877 17.75 -7.25 -3.11
C GLN A 877 18.70 -7.12 -1.92
N GLY A 878 19.85 -7.80 -1.99
CA GLY A 878 20.80 -7.67 -0.89
C GLY A 878 20.85 -8.78 0.15
N SER A 879 19.91 -9.71 0.13
CA SER A 879 19.96 -10.79 1.12
C SER A 879 21.25 -11.58 0.97
N GLU A 880 21.78 -11.62 -0.25
CA GLU A 880 23.01 -12.34 -0.52
C GLU A 880 24.22 -11.58 0.03
N LEU A 881 23.97 -10.36 0.49
CA LEU A 881 25.01 -9.52 1.09
C LEU A 881 24.67 -9.23 2.55
N LEU A 882 23.82 -10.06 3.14
CA LEU A 882 23.43 -9.90 4.55
C LEU A 882 22.87 -8.51 4.84
N ARG A 883 22.14 -7.95 3.88
CA ARG A 883 21.58 -6.61 3.99
C ARG A 883 20.90 -6.22 5.29
N SER A 884 21.32 -5.09 5.83
CA SER A 884 20.74 -4.55 7.05
C SER A 884 20.21 -3.15 6.80
N LYS A 885 19.22 -2.75 7.59
CA LYS A 885 18.67 -1.40 7.50
C LYS A 885 18.84 -0.76 8.89
N SER A 886 19.81 -1.27 9.64
CA SER A 886 20.08 -0.78 10.98
C SER A 886 18.83 -0.95 11.85
N PHE A 887 18.11 -2.05 11.62
CA PHE A 887 16.89 -2.41 12.33
C PHE A 887 15.61 -1.65 11.94
N THR A 888 15.68 -0.81 10.90
CA THR A 888 14.49 -0.09 10.48
C THR A 888 13.42 -1.08 10.00
N ARG A 889 12.20 -0.96 10.50
CA ARG A 889 11.12 -1.85 10.10
C ARG A 889 10.46 -1.44 8.78
N ASP A 890 10.13 -0.16 8.65
CA ASP A 890 9.46 0.39 7.47
C ASP A 890 10.32 1.53 6.93
N SER A 891 11.24 1.20 6.02
CA SER A 891 12.20 2.17 5.49
C SER A 891 11.82 2.96 4.24
N TYR A 892 10.53 3.00 3.90
CA TYR A 892 10.04 3.69 2.70
C TYR A 892 10.53 5.11 2.46
N ASP A 893 10.78 5.86 3.53
CA ASP A 893 11.23 7.25 3.42
C ASP A 893 12.48 7.44 4.26
N SER A 894 13.21 6.35 4.48
CA SER A 894 14.43 6.42 5.30
C SER A 894 15.70 6.75 4.53
N GLY A 895 15.52 7.14 3.27
CA GLY A 895 16.64 7.56 2.44
C GLY A 895 17.75 6.61 2.05
N ASP A 896 18.77 7.17 1.41
CA ASP A 896 19.93 6.41 0.97
C ASP A 896 20.69 5.83 2.17
N TRP A 897 20.66 6.54 3.29
CA TRP A 897 21.41 6.11 4.47
C TRP A 897 21.02 4.76 5.06
N PHE A 898 19.76 4.58 5.38
CA PHE A 898 19.31 3.32 5.97
C PHE A 898 19.01 2.22 4.95
N ASN A 899 18.86 2.60 3.68
CA ASN A 899 18.56 1.64 2.61
C ASN A 899 19.78 1.25 1.79
N ARG A 900 20.94 1.73 2.19
CA ARG A 900 22.20 1.47 1.51
C ARG A 900 22.56 0.01 1.25
N VAL A 901 23.01 -0.27 0.03
CA VAL A 901 23.48 -1.60 -0.36
C VAL A 901 24.86 -1.33 -0.98
N ASP A 902 25.89 -1.83 -0.33
CA ASP A 902 27.28 -1.60 -0.75
C ASP A 902 27.83 -2.69 -1.67
N TYR A 903 27.85 -2.42 -2.98
CA TYR A 903 28.35 -3.41 -3.90
C TYR A 903 29.88 -3.48 -3.94
N SER A 904 30.54 -2.69 -3.11
CA SER A 904 32.00 -2.73 -3.03
C SER A 904 32.34 -3.75 -1.94
N LEU A 905 31.29 -4.25 -1.29
CA LEU A 905 31.41 -5.28 -0.25
C LEU A 905 32.16 -4.94 1.05
N GLN A 906 32.13 -3.69 1.48
CA GLN A 906 32.83 -3.33 2.71
C GLN A 906 32.06 -3.72 3.97
N ASP A 907 30.74 -3.54 3.95
CA ASP A 907 29.89 -3.90 5.08
C ASP A 907 28.43 -4.06 4.63
N ASN A 908 27.56 -4.55 5.51
CA ASN A 908 26.15 -4.78 5.15
C ASN A 908 25.19 -3.69 5.60
N ASN A 909 25.75 -2.54 6.01
CA ASN A 909 24.98 -1.38 6.47
C ASN A 909 24.34 -1.56 7.84
N TYR A 910 24.85 -2.51 8.61
CA TYR A 910 24.38 -2.76 9.96
C TYR A 910 25.06 -1.76 10.90
N ASN A 911 24.39 -1.41 11.99
CA ASN A 911 24.95 -0.51 12.98
C ASN A 911 25.38 0.85 12.41
N VAL A 912 24.47 1.53 11.73
CA VAL A 912 24.78 2.85 11.17
C VAL A 912 23.90 3.93 11.79
N GLY A 913 23.41 3.64 12.99
CA GLY A 913 22.56 4.58 13.70
C GLY A 913 21.21 3.97 14.08
N MET A 914 20.62 4.46 15.18
CA MET A 914 19.32 3.96 15.60
C MET A 914 18.32 4.32 14.50
N PRO A 915 17.34 3.44 14.25
CA PRO A 915 16.33 3.69 13.22
C PRO A 915 15.32 4.76 13.62
N ARG A 916 14.52 5.20 12.64
CA ARG A 916 13.50 6.23 12.87
C ARG A 916 12.73 6.02 14.18
N SER A 917 12.78 7.01 15.06
CA SER A 917 12.13 6.92 16.35
C SER A 917 10.60 6.90 16.29
N SER A 918 10.03 7.56 15.29
CA SER A 918 8.58 7.61 15.17
C SER A 918 7.94 6.22 15.07
N ASP A 919 8.62 5.29 14.41
CA ASP A 919 8.06 3.95 14.24
C ASP A 919 8.82 2.83 14.95
N ASP A 920 10.10 3.05 15.25
CA ASP A 920 10.90 2.03 15.92
C ASP A 920 11.36 2.41 17.32
N GLY A 921 10.93 3.59 17.78
CA GLY A 921 11.32 4.05 19.09
C GLY A 921 11.03 3.06 20.21
N SER A 922 9.93 2.32 20.09
CA SER A 922 9.55 1.36 21.10
C SER A 922 10.47 0.14 21.10
N ASN A 923 11.33 0.03 20.08
CA ASN A 923 12.26 -1.09 19.97
C ASN A 923 13.70 -0.71 20.32
N TYR A 924 13.92 0.54 20.68
CA TYR A 924 15.26 1.02 21.03
C TYR A 924 15.88 0.20 22.16
N ASP A 925 15.10 -0.12 23.18
CA ASP A 925 15.62 -0.88 24.32
C ASP A 925 16.16 -2.25 23.91
N ILE A 926 15.37 -3.03 23.17
CA ILE A 926 15.82 -4.35 22.75
C ILE A 926 16.95 -4.23 21.72
N ILE A 927 16.91 -3.21 20.87
CA ILE A 927 17.97 -3.02 19.90
C ILE A 927 19.29 -2.80 20.61
N ALA A 928 19.29 -1.91 21.60
CA ALA A 928 20.51 -1.61 22.35
C ALA A 928 21.09 -2.86 23.01
N ARG A 929 20.22 -3.78 23.42
CA ARG A 929 20.66 -5.00 24.08
C ARG A 929 21.24 -6.08 23.18
N VAL A 930 20.75 -6.18 21.94
CA VAL A 930 21.22 -7.22 21.02
C VAL A 930 22.18 -6.76 19.94
N LYS A 931 22.15 -5.47 19.64
CA LYS A 931 22.97 -4.91 18.56
C LYS A 931 24.43 -5.30 18.47
N ASP A 932 25.17 -5.21 19.57
CA ASP A 932 26.60 -5.50 19.52
C ASP A 932 27.06 -6.90 19.94
N ALA A 933 26.16 -7.87 19.88
CA ALA A 933 26.49 -9.24 20.26
C ALA A 933 27.74 -9.75 19.54
N VAL A 934 27.82 -9.53 18.23
CA VAL A 934 28.96 -9.95 17.43
C VAL A 934 29.41 -8.82 16.53
N ALA A 935 30.47 -9.06 15.77
CA ALA A 935 31.00 -8.04 14.86
C ALA A 935 30.09 -7.83 13.66
N THR A 936 30.25 -6.66 13.04
CA THR A 936 29.47 -6.31 11.85
C THR A 936 30.13 -6.97 10.65
N PRO A 937 29.31 -7.59 9.77
CA PRO A 937 29.85 -8.26 8.58
C PRO A 937 30.79 -7.38 7.77
N GLY A 938 31.84 -8.00 7.23
CA GLY A 938 32.80 -7.30 6.40
C GLY A 938 32.92 -8.03 5.08
N GLU A 939 33.91 -7.67 4.27
CA GLU A 939 34.08 -8.30 2.97
C GLU A 939 34.15 -9.82 3.01
N THR A 940 34.81 -10.37 4.03
CA THR A 940 34.93 -11.81 4.17
C THR A 940 33.58 -12.49 4.29
N GLU A 941 32.73 -11.95 5.16
CA GLU A 941 31.40 -12.51 5.37
C GLU A 941 30.48 -12.29 4.17
N LEU A 942 30.60 -11.13 3.52
CA LEU A 942 29.77 -10.82 2.37
C LEU A 942 30.11 -11.74 1.20
N LYS A 943 31.40 -11.99 0.98
CA LYS A 943 31.80 -12.89 -0.12
C LYS A 943 31.32 -14.30 0.21
N GLN A 944 31.42 -14.67 1.49
CA GLN A 944 31.00 -15.99 1.94
C GLN A 944 29.50 -16.16 1.68
N MET A 945 28.71 -15.16 2.04
CA MET A 945 27.26 -15.24 1.84
C MET A 945 26.89 -15.26 0.37
N THR A 946 27.55 -14.45 -0.45
CA THR A 946 27.23 -14.44 -1.88
C THR A 946 27.49 -15.84 -2.46
N ALA A 947 28.55 -16.50 -2.00
CA ALA A 947 28.86 -17.84 -2.47
C ALA A 947 27.75 -18.80 -2.07
N PHE A 948 27.34 -18.73 -0.80
CA PHE A 948 26.28 -19.62 -0.32
C PHE A 948 25.00 -19.39 -1.15
N TYR A 949 24.69 -18.13 -1.39
CA TYR A 949 23.48 -17.75 -2.12
C TYR A 949 23.45 -18.28 -3.54
N GLN A 950 24.55 -18.09 -4.26
CA GLN A 950 24.64 -18.54 -5.64
C GLN A 950 24.67 -20.06 -5.71
N GLU A 951 25.10 -20.72 -4.63
CA GLU A 951 25.11 -22.17 -4.59
C GLU A 951 23.65 -22.63 -4.50
N LEU A 952 22.87 -21.95 -3.67
CA LEU A 952 21.46 -22.30 -3.51
C LEU A 952 20.65 -22.08 -4.79
N THR A 953 20.86 -20.96 -5.46
CA THR A 953 20.11 -20.70 -6.69
C THR A 953 20.57 -21.62 -7.81
N ALA A 954 21.84 -22.01 -7.78
CA ALA A 954 22.37 -22.89 -8.82
C ALA A 954 21.76 -24.28 -8.62
N LEU A 955 21.58 -24.68 -7.36
CA LEU A 955 20.99 -25.97 -7.07
C LEU A 955 19.52 -25.98 -7.48
N ARG A 956 18.82 -24.87 -7.25
CA ARG A 956 17.41 -24.75 -7.60
C ARG A 956 17.16 -25.08 -9.07
N LYS A 957 18.04 -24.60 -9.95
CA LYS A 957 17.88 -24.86 -11.37
C LYS A 957 18.70 -26.04 -11.89
N SER A 958 19.31 -26.80 -10.98
CA SER A 958 20.13 -27.94 -11.40
C SER A 958 19.32 -29.18 -11.78
N SER A 959 18.02 -29.15 -11.53
CA SER A 959 17.15 -30.27 -11.87
C SER A 959 15.70 -29.84 -11.95
N PRO A 960 14.93 -30.44 -12.87
CA PRO A 960 13.51 -30.08 -12.98
C PRO A 960 12.71 -30.56 -11.78
N LEU A 961 13.32 -31.43 -10.97
CA LEU A 961 12.65 -31.97 -9.79
C LEU A 961 12.34 -30.92 -8.72
N PHE A 962 13.14 -29.86 -8.66
CA PHE A 962 12.93 -28.81 -7.67
C PHE A 962 11.75 -27.89 -8.00
N THR A 963 11.35 -27.89 -9.26
CA THR A 963 10.28 -27.02 -9.73
C THR A 963 9.22 -27.72 -10.57
N LEU A 964 8.57 -28.73 -9.98
CA LEU A 964 7.55 -29.52 -10.67
C LEU A 964 6.37 -28.73 -11.24
N GLY A 965 6.00 -27.62 -10.59
CA GLY A 965 4.92 -26.78 -11.09
C GLY A 965 3.48 -27.21 -10.84
N ASP A 966 3.19 -28.48 -11.11
CA ASP A 966 1.84 -29.02 -10.94
C ASP A 966 1.65 -29.61 -9.53
N GLY A 967 0.57 -29.20 -8.87
CA GLY A 967 0.28 -29.69 -7.54
C GLY A 967 0.18 -31.20 -7.42
N ALA A 968 -0.53 -31.83 -8.35
CA ALA A 968 -0.69 -33.28 -8.35
C ALA A 968 0.67 -33.97 -8.47
N THR A 969 1.57 -33.39 -9.25
CA THR A 969 2.89 -33.98 -9.43
C THR A 969 3.70 -33.84 -8.13
N VAL A 970 3.54 -32.70 -7.46
CA VAL A 970 4.25 -32.48 -6.19
C VAL A 970 3.81 -33.54 -5.19
N MET A 971 2.50 -33.79 -5.14
CA MET A 971 1.95 -34.78 -4.23
C MET A 971 2.43 -36.20 -4.55
N LYS A 972 2.70 -36.46 -5.82
CA LYS A 972 3.15 -37.79 -6.24
C LYS A 972 4.64 -38.02 -6.06
N ARG A 973 5.42 -36.95 -5.92
CA ARG A 973 6.86 -37.09 -5.81
C ARG A 973 7.55 -36.57 -4.56
N VAL A 974 6.96 -35.57 -3.91
CA VAL A 974 7.58 -34.99 -2.73
C VAL A 974 7.13 -35.58 -1.39
N ASP A 975 8.10 -35.83 -0.52
CA ASP A 975 7.81 -36.40 0.79
C ASP A 975 8.86 -35.88 1.77
N PHE A 976 8.71 -36.21 3.04
CA PHE A 976 9.67 -35.79 4.07
C PHE A 976 10.03 -36.91 5.02
N ARG A 977 11.23 -36.80 5.59
CA ARG A 977 11.75 -37.76 6.56
C ARG A 977 11.96 -36.97 7.85
N ASN A 978 12.33 -37.66 8.92
CA ASN A 978 12.55 -36.99 10.20
C ASN A 978 11.31 -36.19 10.61
N THR A 979 10.16 -36.87 10.66
CA THR A 979 8.91 -36.23 11.05
C THR A 979 8.35 -36.96 12.27
N GLY A 980 7.29 -36.39 12.85
CA GLY A 980 6.68 -37.03 14.01
C GLY A 980 7.26 -36.64 15.36
N ALA A 981 6.77 -37.32 16.40
CA ALA A 981 7.18 -37.05 17.77
C ALA A 981 8.65 -37.34 18.10
N ASP A 982 9.27 -38.25 17.37
CA ASP A 982 10.67 -38.61 17.64
C ASP A 982 11.66 -37.92 16.71
N GLN A 983 11.22 -36.87 16.03
CA GLN A 983 12.10 -36.16 15.10
C GLN A 983 13.23 -35.40 15.80
N GLN A 984 14.29 -35.15 15.05
CA GLN A 984 15.43 -34.39 15.56
C GLN A 984 15.08 -32.96 15.18
N THR A 985 14.78 -32.14 16.18
CA THR A 985 14.37 -30.75 15.97
C THR A 985 15.32 -29.92 15.10
N GLY A 986 14.74 -29.18 14.16
CA GLY A 986 15.54 -28.33 13.30
C GLY A 986 16.06 -28.97 12.03
N LEU A 987 16.03 -30.29 11.97
CA LEU A 987 16.51 -31.00 10.79
C LEU A 987 15.38 -31.22 9.79
N LEU A 988 15.50 -30.59 8.63
CA LEU A 988 14.49 -30.71 7.58
C LEU A 988 15.03 -31.63 6.49
N VAL A 989 14.31 -32.72 6.23
CA VAL A 989 14.73 -33.67 5.21
C VAL A 989 13.59 -33.88 4.22
N MET A 990 13.80 -33.42 2.99
CA MET A 990 12.81 -33.55 1.94
C MET A 990 13.31 -34.45 0.81
N THR A 991 12.43 -35.30 0.30
CA THR A 991 12.79 -36.19 -0.80
C THR A 991 11.92 -35.90 -2.02
N ILE A 992 12.52 -36.02 -3.21
CA ILE A 992 11.80 -35.79 -4.45
C ILE A 992 12.06 -37.01 -5.33
N ASP A 993 11.01 -37.80 -5.53
CA ASP A 993 11.10 -39.02 -6.31
C ASP A 993 11.14 -38.84 -7.82
N ASP A 994 11.94 -39.67 -8.49
CA ASP A 994 12.02 -39.65 -9.95
C ASP A 994 12.11 -41.12 -10.37
N GLY A 995 11.72 -41.99 -9.46
CA GLY A 995 11.74 -43.42 -9.71
C GLY A 995 10.51 -43.94 -10.44
N MET A 996 10.50 -45.25 -10.69
CA MET A 996 9.41 -45.91 -11.41
C MET A 996 8.01 -45.67 -10.87
N GLN A 997 7.87 -45.52 -9.55
CA GLN A 997 6.55 -45.31 -8.97
C GLN A 997 6.01 -43.88 -9.10
N ALA A 998 6.87 -42.94 -9.45
CA ALA A 998 6.45 -41.55 -9.62
C ALA A 998 5.91 -41.34 -11.02
N GLY A 999 6.39 -42.16 -11.94
CA GLY A 999 5.97 -42.05 -13.33
C GLY A 999 7.22 -42.04 -14.20
N ALA A 1000 7.26 -41.16 -15.18
CA ALA A 1000 8.41 -41.06 -16.06
C ALA A 1000 9.57 -40.34 -15.38
N SER A 1001 10.77 -40.64 -15.83
CA SER A 1001 11.96 -40.01 -15.29
C SER A 1001 12.05 -38.60 -15.86
N LEU A 1002 11.96 -37.60 -14.99
CA LEU A 1002 12.03 -36.20 -15.41
C LEU A 1002 13.47 -35.72 -15.49
N ASP A 1003 14.37 -36.44 -14.83
CA ASP A 1003 15.78 -36.09 -14.83
C ASP A 1003 16.60 -37.33 -15.15
N SER A 1004 17.23 -37.32 -16.33
CA SER A 1004 18.03 -38.44 -16.80
C SER A 1004 19.24 -38.78 -15.95
N ARG A 1005 19.68 -37.84 -15.11
CA ARG A 1005 20.86 -38.06 -14.29
C ARG A 1005 20.59 -38.67 -12.92
N VAL A 1006 19.37 -38.53 -12.40
CA VAL A 1006 19.06 -39.07 -11.09
C VAL A 1006 17.70 -39.76 -10.99
N ASP A 1007 17.57 -40.64 -9.99
CA ASP A 1007 16.32 -41.35 -9.74
C ASP A 1007 15.63 -40.70 -8.55
N GLY A 1008 16.28 -39.72 -7.96
CA GLY A 1008 15.70 -39.04 -6.81
C GLY A 1008 16.67 -38.03 -6.20
N ILE A 1009 16.12 -37.10 -5.43
CA ILE A 1009 16.91 -36.07 -4.76
C ILE A 1009 16.53 -35.97 -3.29
N VAL A 1010 17.52 -35.68 -2.46
CA VAL A 1010 17.30 -35.52 -1.03
C VAL A 1010 17.81 -34.14 -0.62
N VAL A 1011 16.95 -33.35 0.00
CA VAL A 1011 17.33 -32.02 0.47
C VAL A 1011 17.38 -32.08 1.99
N ALA A 1012 18.56 -31.87 2.55
CA ALA A 1012 18.70 -31.91 4.01
C ALA A 1012 19.21 -30.57 4.53
N ILE A 1013 18.39 -29.93 5.36
CA ILE A 1013 18.76 -28.65 5.95
C ILE A 1013 18.83 -28.87 7.46
N ASN A 1014 20.03 -28.84 8.01
CA ASN A 1014 20.24 -29.06 9.43
C ASN A 1014 20.33 -27.71 10.16
N ALA A 1015 19.18 -27.14 10.50
CA ALA A 1015 19.14 -25.85 11.20
C ALA A 1015 19.26 -26.12 12.70
N ALA A 1016 20.46 -26.51 13.11
CA ALA A 1016 20.74 -26.82 14.50
C ALA A 1016 22.23 -26.78 14.79
N PRO A 1017 22.60 -26.60 16.07
CA PRO A 1017 24.02 -26.54 16.48
C PRO A 1017 24.70 -27.90 16.67
N GLU A 1018 23.99 -28.98 16.34
CA GLU A 1018 24.53 -30.34 16.46
C GLU A 1018 24.75 -30.98 15.10
N SER A 1019 25.64 -31.97 15.07
CA SER A 1019 25.84 -32.72 13.84
C SER A 1019 24.71 -33.73 13.89
N ARG A 1020 24.14 -34.06 12.75
CA ARG A 1020 23.03 -35.00 12.67
C ARG A 1020 23.38 -36.10 11.66
N THR A 1021 23.01 -37.33 11.98
CA THR A 1021 23.27 -38.46 11.08
C THR A 1021 21.97 -39.06 10.57
N LEU A 1022 21.87 -39.19 9.26
CA LEU A 1022 20.68 -39.76 8.63
C LEU A 1022 20.94 -41.24 8.35
N GLN A 1023 20.02 -42.09 8.79
CA GLN A 1023 20.14 -43.53 8.57
C GLN A 1023 19.04 -43.99 7.61
N ASP A 1024 18.14 -43.06 7.28
CA ASP A 1024 17.02 -43.33 6.39
C ASP A 1024 17.37 -43.82 4.99
N PHE A 1025 18.62 -43.65 4.57
CA PHE A 1025 19.00 -44.08 3.23
C PHE A 1025 20.13 -45.09 3.18
N ALA A 1026 20.24 -45.91 4.22
CA ALA A 1026 21.27 -46.93 4.28
C ALA A 1026 21.11 -47.87 3.09
N GLY A 1027 22.24 -48.22 2.46
CA GLY A 1027 22.20 -49.09 1.31
C GLY A 1027 21.33 -48.51 0.21
N THR A 1028 21.71 -47.33 -0.28
CA THR A 1028 20.94 -46.66 -1.33
C THR A 1028 21.86 -45.94 -2.31
N SER A 1029 23.16 -45.90 -1.99
CA SER A 1029 24.15 -45.25 -2.85
C SER A 1029 23.79 -43.79 -3.14
N LEU A 1030 23.83 -42.97 -2.11
CA LEU A 1030 23.51 -41.54 -2.23
C LEU A 1030 24.80 -40.76 -2.48
N GLN A 1031 24.74 -39.75 -3.35
CA GLN A 1031 25.92 -38.94 -3.66
C GLN A 1031 25.65 -37.45 -3.49
N LEU A 1032 26.66 -36.72 -3.05
CA LEU A 1032 26.53 -35.29 -2.86
C LEU A 1032 26.50 -34.61 -4.22
N SER A 1033 25.68 -33.57 -4.36
CA SER A 1033 25.57 -32.84 -5.62
C SER A 1033 26.93 -32.34 -6.12
N ALA A 1034 27.15 -32.47 -7.42
CA ALA A 1034 28.41 -32.05 -8.02
C ALA A 1034 28.66 -30.57 -7.79
N ILE A 1035 27.59 -29.78 -7.79
CA ILE A 1035 27.71 -28.35 -7.56
C ILE A 1035 28.27 -28.04 -6.18
N GLN A 1036 27.79 -28.75 -5.16
CA GLN A 1036 28.31 -28.50 -3.82
C GLN A 1036 29.72 -29.04 -3.66
N GLN A 1037 30.01 -30.18 -4.30
CA GLN A 1037 31.35 -30.75 -4.24
C GLN A 1037 32.36 -29.76 -4.80
N ALA A 1038 31.99 -29.14 -5.92
CA ALA A 1038 32.86 -28.17 -6.58
C ALA A 1038 33.23 -26.98 -5.70
N ALA A 1039 32.33 -26.60 -4.79
CA ALA A 1039 32.57 -25.46 -3.91
C ALA A 1039 33.52 -25.79 -2.74
N GLY A 1040 33.81 -27.07 -2.56
CA GLY A 1040 34.71 -27.47 -1.49
C GLY A 1040 34.32 -26.97 -0.11
N ASP A 1041 35.29 -26.43 0.63
CA ASP A 1041 35.02 -25.94 1.98
C ASP A 1041 34.27 -24.61 2.01
N ARG A 1042 33.85 -24.13 0.84
CA ARG A 1042 33.09 -22.89 0.76
C ARG A 1042 31.62 -23.22 0.57
N SER A 1043 31.32 -24.51 0.50
CA SER A 1043 29.97 -24.99 0.30
C SER A 1043 29.14 -25.03 1.58
N LEU A 1044 27.82 -24.94 1.44
CA LEU A 1044 26.96 -25.02 2.60
C LEU A 1044 27.02 -26.47 3.10
N ALA A 1045 27.53 -27.36 2.24
CA ALA A 1045 27.66 -28.78 2.55
C ALA A 1045 29.08 -29.17 3.00
N SER A 1046 29.92 -28.19 3.29
CA SER A 1046 31.28 -28.48 3.74
C SER A 1046 31.25 -29.32 5.01
N GLY A 1047 31.98 -30.43 5.03
CA GLY A 1047 32.02 -31.28 6.21
C GLY A 1047 31.01 -32.41 6.17
N VAL A 1048 30.10 -32.39 5.20
CA VAL A 1048 29.11 -33.46 5.08
C VAL A 1048 29.86 -34.73 4.71
N GLN A 1049 29.45 -35.85 5.30
CA GLN A 1049 30.09 -37.12 5.00
C GLN A 1049 29.10 -38.21 4.64
N VAL A 1050 29.39 -38.92 3.57
CA VAL A 1050 28.57 -40.01 3.09
C VAL A 1050 29.37 -41.28 3.36
N ALA A 1051 29.00 -42.01 4.40
CA ALA A 1051 29.69 -43.23 4.81
C ALA A 1051 29.46 -44.41 3.88
N ALA A 1052 30.25 -45.46 4.12
CA ALA A 1052 30.16 -46.69 3.34
C ALA A 1052 28.87 -47.45 3.62
N ASP A 1053 28.32 -47.25 4.82
CA ASP A 1053 27.08 -47.92 5.19
C ASP A 1053 25.86 -47.17 4.65
N GLY A 1054 26.11 -46.08 3.94
CA GLY A 1054 25.03 -45.30 3.37
C GLY A 1054 24.50 -44.20 4.27
N SER A 1055 25.00 -44.14 5.49
CA SER A 1055 24.55 -43.10 6.42
C SER A 1055 25.13 -41.76 5.97
N VAL A 1056 24.42 -40.68 6.27
CA VAL A 1056 24.88 -39.34 5.91
C VAL A 1056 24.94 -38.47 7.14
N THR A 1057 26.09 -37.87 7.39
CA THR A 1057 26.24 -37.00 8.55
C THR A 1057 26.36 -35.54 8.11
N LEU A 1058 25.58 -34.68 8.75
CA LEU A 1058 25.58 -33.25 8.45
C LEU A 1058 26.09 -32.44 9.63
N PRO A 1059 27.00 -31.49 9.37
CA PRO A 1059 27.55 -30.64 10.42
C PRO A 1059 26.49 -29.63 10.84
N ALA A 1060 26.76 -28.87 11.89
CA ALA A 1060 25.82 -27.86 12.34
C ALA A 1060 25.57 -26.83 11.23
N TRP A 1061 24.36 -26.30 11.21
CA TRP A 1061 23.94 -25.27 10.25
C TRP A 1061 24.44 -25.52 8.83
N SER A 1062 24.08 -26.68 8.29
CA SER A 1062 24.50 -27.05 6.95
C SER A 1062 23.32 -27.40 6.06
N VAL A 1063 23.57 -27.40 4.76
CA VAL A 1063 22.57 -27.72 3.75
C VAL A 1063 23.21 -28.66 2.75
N ALA A 1064 22.59 -29.82 2.54
CA ALA A 1064 23.12 -30.79 1.60
C ALA A 1064 22.08 -31.27 0.62
N VAL A 1065 22.47 -31.31 -0.65
CA VAL A 1065 21.58 -31.80 -1.69
C VAL A 1065 22.25 -33.07 -2.18
N LEU A 1066 21.60 -34.20 -1.94
CA LEU A 1066 22.12 -35.51 -2.33
C LEU A 1066 21.30 -36.04 -3.50
N GLU A 1067 21.88 -36.96 -4.26
CA GLU A 1067 21.18 -37.52 -5.40
C GLU A 1067 21.44 -39.01 -5.60
N LEU A 1068 20.45 -39.69 -6.18
CA LEU A 1068 20.56 -41.11 -6.47
C LEU A 1068 20.90 -41.18 -7.95
N PRO A 1069 22.15 -41.56 -8.27
CA PRO A 1069 22.57 -41.65 -9.68
C PRO A 1069 21.73 -42.65 -10.46
N GLN A 1070 21.33 -42.26 -11.67
CA GLN A 1070 20.50 -43.12 -12.51
C GLN A 1070 21.36 -44.01 -13.40
N GLY A 1071 21.10 -45.31 -13.36
CA GLY A 1071 21.86 -46.26 -14.15
C GLY A 1071 21.33 -46.42 -15.56
N GLU A 1072 21.44 -47.64 -16.09
CA GLU A 1072 20.98 -47.94 -17.44
C GLU A 1072 19.50 -47.63 -17.61
N SER A 1073 18.71 -47.98 -16.60
CA SER A 1073 17.27 -47.74 -16.63
C SER A 1073 16.83 -46.99 -15.38
N GLN A 1074 15.60 -46.46 -15.42
CA GLN A 1074 15.04 -45.73 -14.30
C GLN A 1074 15.12 -46.62 -13.05
N GLY A 1075 15.52 -46.03 -11.93
CA GLY A 1075 15.65 -46.79 -10.70
C GLY A 1075 14.42 -46.78 -9.81
N ALA A 1076 14.56 -47.36 -8.62
CA ALA A 1076 13.47 -47.42 -7.65
C ALA A 1076 13.16 -46.06 -7.07
N GLY A 1077 14.17 -45.19 -7.01
CA GLY A 1077 13.98 -43.86 -6.48
C GLY A 1077 13.63 -43.76 -5.01
N LEU A 1078 12.85 -42.73 -4.68
CA LEU A 1078 12.42 -42.46 -3.30
C LEU A 1078 10.91 -42.28 -3.30
N PRO A 1079 10.15 -43.37 -3.48
CA PRO A 1079 8.69 -43.32 -3.49
C PRO A 1079 8.08 -42.69 -2.25
N VAL A 1080 7.04 -41.88 -2.46
CA VAL A 1080 6.34 -41.23 -1.38
C VAL A 1080 5.65 -42.32 -0.55
N SER A 1081 5.84 -42.26 0.77
CA SER A 1081 5.25 -43.25 1.66
C SER A 1081 3.73 -43.11 1.76
N SER A 1082 3.05 -44.25 1.79
CA SER A 1082 1.59 -44.26 1.89
C SER A 1082 1.23 -43.77 3.29
N LYS A 1083 0.22 -42.91 3.38
CA LYS A 1083 -0.20 -42.37 4.66
C LYS A 1083 -1.71 -42.45 4.84
C1 GLC B . -1.20 -10.78 7.50
C2 GLC B . 0.22 -10.96 6.92
C3 GLC B . 1.01 -9.66 7.07
C4 GLC B . 0.25 -8.54 6.38
C5 GLC B . -1.11 -8.40 7.06
C6 GLC B . -1.97 -7.29 6.49
O1 GLC B . -1.13 -10.61 8.88
O2 GLC B . 0.90 -12.01 7.61
O3 GLC B . 2.29 -9.80 6.48
O4 GLC B . 1.00 -7.30 6.46
O5 GLC B . -1.86 -9.64 6.92
O6 GLC B . -3.23 -7.24 7.14
C1 GLC B . 1.83 -7.07 5.36
C2 GLC B . 3.24 -6.63 5.80
C3 GLC B . 3.24 -5.19 6.31
C4 GLC B . 2.59 -4.25 5.29
C5 GLC B . 1.20 -4.77 4.94
C6 GLC B . 0.49 -3.94 3.89
O2 GLC B . 3.72 -7.49 6.83
O3 GLC B . 4.57 -4.76 6.57
O4 GLC B . 2.49 -2.94 5.87
O5 GLC B . 1.27 -6.12 4.44
O6 GLC B . -0.24 -2.88 4.50
C1 GLC B . 3.13 -1.89 5.19
C2 GLC B . 3.92 -1.06 6.19
C3 GLC B . 2.96 -0.38 7.18
C4 GLC B . 1.88 0.42 6.43
C5 GLC B . 1.20 -0.43 5.35
C6 GLC B . 0.31 0.39 4.45
O2 GLC B . 4.83 -1.89 6.90
O3 GLC B . 3.68 0.48 8.04
O4 GLC B . 0.89 0.86 7.38
O5 GLC B . 2.20 -1.06 4.49
O6 GLC B . -0.76 -0.40 3.93
C1 GLC B . 0.48 2.19 7.27
C2 GLC B . 0.61 2.87 8.62
C3 GLC B . -0.38 2.25 9.61
C4 GLC B . -1.80 2.28 9.05
C5 GLC B . -1.86 1.69 7.62
C6 GLC B . -3.20 1.95 6.96
O2 GLC B . 1.94 2.72 9.11
O3 GLC B . -0.33 2.95 10.84
O4 GLC B . -2.66 1.53 9.89
O5 GLC B . -0.85 2.31 6.79
O6 GLC B . -3.54 3.32 7.03
C1 GLC C . 2.02 -2.68 0.42
C2 GLC C . 3.49 -2.33 0.23
C3 GLC C . 3.91 -1.35 1.32
C4 GLC C . 3.06 -0.08 1.18
C5 GLC C . 1.56 -0.45 1.25
C6 GLC C . 0.71 0.74 0.89
O1 GLC C . 1.81 -3.21 1.68
O2 GLC C . 4.29 -3.51 0.29
O3 GLC C . 5.29 -1.04 1.20
O4 GLC C . 3.36 0.86 2.24
O5 GLC C . 1.23 -1.48 0.29
O6 GLC C . 0.88 1.08 -0.48
C1 GLC C . 4.36 1.81 2.00
C2 GLC C . 5.00 2.20 3.33
C3 GLC C . 4.03 3.05 4.16
C4 GLC C . 3.56 4.25 3.36
C5 GLC C . 2.93 3.79 2.03
C6 GLC C . 2.53 4.95 1.13
O2 GLC C . 5.34 1.03 4.04
O3 GLC C . 4.66 3.49 5.35
O4 GLC C . 2.61 5.01 4.13
O5 GLC C . 3.87 2.97 1.30
O6 GLC C . 3.65 5.77 0.80
C1 GLC C . 3.15 6.11 4.80
C2 GLC C . 2.69 6.15 6.27
C3 GLC C . 1.23 6.57 6.38
C4 GLC C . 0.99 7.87 5.62
C5 GLC C . 1.46 7.71 4.17
C6 GLC C . 1.32 8.99 3.36
O2 GLC C . 2.84 4.85 6.84
O3 GLC C . 0.89 6.74 7.75
O4 GLC C . -0.42 8.18 5.64
O5 GLC C . 2.85 7.35 4.15
O6 GLC C . 2.01 10.07 3.98
C1 GLC C . -0.75 9.40 6.23
C2 GLC C . -1.77 9.17 7.35
C3 GLC C . -3.07 8.66 6.74
C4 GLC C . -3.59 9.65 5.70
C5 GLC C . -2.49 9.92 4.65
C6 GLC C . -2.88 11.01 3.67
O2 GLC C . -1.26 8.20 8.27
O3 GLC C . -4.05 8.51 7.77
O4 GLC C . -4.74 9.12 5.07
O5 GLC C . -1.27 10.34 5.30
O6 GLC C . -1.84 11.24 2.73
C1 GLC D . -4.97 25.39 28.07
C2 GLC D . -6.07 25.33 27.00
C3 GLC D . -5.96 26.53 26.06
C4 GLC D . -5.97 27.84 26.86
C5 GLC D . -4.88 27.79 27.95
C6 GLC D . -4.92 29.01 28.86
O1 GLC D . -3.72 25.33 27.47
O2 GLC D . -5.95 24.13 26.25
O3 GLC D . -7.04 26.53 25.14
O4 GLC D . -5.73 28.94 25.97
O5 GLC D . -5.05 26.63 28.80
O6 GLC D . -4.01 28.87 29.94
C1 GLC D . -6.85 29.74 25.72
C2 GLC D . -7.03 29.94 24.21
C3 GLC D . -5.93 30.86 23.65
C4 GLC D . -5.89 32.18 24.43
C5 GLC D . -5.72 31.87 25.92
C6 GLC D . -5.75 33.13 26.77
O2 GLC D . -6.99 28.68 23.54
O3 GLC D . -6.19 31.13 22.28
O4 GLC D . -4.82 32.97 23.97
O5 GLC D . -6.78 31.01 26.38
O6 GLC D . -5.27 32.87 28.09
CA CA E . 12.16 11.14 0.78
CA CA F . 15.59 -39.85 -13.63
CA CA G . -16.10 -1.10 4.59
CA CA H . 6.92 11.48 -10.26
CA CA I . -30.14 36.83 20.15
#